data_4F6C
#
_entry.id   4F6C
#
_cell.length_a   105.699
_cell.length_b   106.446
_cell.length_c   124.878
_cell.angle_alpha   90.00
_cell.angle_beta   90.00
_cell.angle_gamma   90.00
#
_symmetry.space_group_name_H-M   'P 21 21 21'
#
loop_
_entity.id
_entity.type
_entity.pdbx_description
1 polymer 'AusA reductase domain protein'
2 water water
#
_entity_poly.entity_id   1
_entity_poly.type   'polypeptide(L)'
_entity_poly.pdbx_seq_one_letter_code
;(MSE)GSSHHHHHHSSGLVPRGSH(MSE)AS(MSE)TGGQQ(MSE)GRDPQSLVALPDNLSELQKIV(MSE)SRYNLGIL
EDSLSHRPLGNTLLTGATGFLGAYLIEALQGYSHRIYCFIRADNEEIAWYKL(MSE)TNLNDYFSEETVE(MSE)(MSE)
LSNIEVIVGDFEC(MSE)DDVVLPEN(MSE)DTIIHAGARTDHFGDDDEFEKVNVQGTVDVIRLAQQHHARLIYVSTISV
GTYFDIDTEDVTFSEADVYKGQLLTSPYTRSKFYSELKVLEAVNNGLDGRIVRVGNLTSPYNGRWH(MSE)RNIKTNRFS
(MSE)V(MSE)NDLLQLDCIGVS(MSE)AE(MSE)PVDFSFVDTTARQIVALAQVNTPQIIYHVLSPNK(MSE)PVKSLL
ECVKRKEIELVSDESFNEILQKQD(MSE)YETIGLTSVDREQQLA(MSE)IDTTLTLKI(MSE)NHISEKWPTITNNWLY
HWAQYIKTIFNKAAALEHHHHHH
;
_entity_poly.pdbx_strand_id   A,B
#
# COMPACT_ATOMS: atom_id res chain seq x y z
N VAL A 38 -2.53 -24.12 35.70
CA VAL A 38 -3.54 -23.12 35.33
C VAL A 38 -4.41 -22.76 36.53
N ALA A 39 -5.17 -21.67 36.40
CA ALA A 39 -6.01 -21.17 37.48
C ALA A 39 -7.46 -20.96 37.04
N LEU A 40 -8.39 -21.54 37.78
CA LEU A 40 -9.80 -21.53 37.42
C LEU A 40 -10.64 -20.87 38.52
N PRO A 41 -11.75 -20.22 38.13
CA PRO A 41 -12.64 -19.57 39.10
C PRO A 41 -13.34 -20.57 40.03
N ASP A 42 -13.75 -20.11 41.21
CA ASP A 42 -14.50 -20.93 42.14
C ASP A 42 -15.76 -21.43 41.47
N ASN A 43 -16.31 -20.60 40.60
CA ASN A 43 -17.60 -20.92 40.00
C ASN A 43 -17.52 -21.60 38.64
N LEU A 44 -16.39 -22.25 38.35
CA LEU A 44 -16.17 -22.89 37.04
C LEU A 44 -17.33 -23.77 36.58
N SER A 45 -17.95 -24.45 37.54
CA SER A 45 -19.05 -25.36 37.24
C SER A 45 -20.34 -24.66 36.80
N GLU A 46 -20.53 -23.42 37.25
CA GLU A 46 -21.72 -22.64 36.88
C GLU A 46 -21.58 -22.30 35.39
N LEU A 47 -20.35 -21.98 35.01
CA LEU A 47 -20.03 -21.67 33.63
C LEU A 47 -20.09 -22.90 32.71
N GLN A 48 -19.54 -24.02 33.19
CA GLN A 48 -19.64 -25.26 32.44
C GLN A 48 -21.10 -25.64 32.23
N LYS A 49 -21.90 -25.57 33.30
CA LYS A 49 -23.33 -25.88 33.21
C LYS A 49 -24.03 -24.98 32.17
N ILE A 50 -23.89 -23.66 32.31
CA ILE A 50 -24.53 -22.74 31.37
C ILE A 50 -24.14 -23.04 29.90
N VAL A 51 -22.85 -23.23 29.63
CA VAL A 51 -22.42 -23.62 28.29
C VAL A 51 -23.08 -24.91 27.80
N SER A 53 -25.82 -26.47 28.79
CA SER A 53 -27.26 -26.42 28.62
C SER A 53 -27.63 -25.62 27.40
N ARG A 54 -26.93 -24.52 27.14
CA ARG A 54 -27.26 -23.76 25.93
C ARG A 54 -26.94 -24.62 24.72
N TYR A 55 -25.85 -25.38 24.83
CA TYR A 55 -25.46 -26.31 23.79
C TYR A 55 -26.60 -27.27 23.44
N ASN A 56 -27.28 -27.80 24.45
CA ASN A 56 -28.38 -28.73 24.16
C ASN A 56 -29.64 -28.10 23.59
N LEU A 57 -29.76 -26.77 23.68
CA LEU A 57 -30.95 -26.09 23.17
C LEU A 57 -31.13 -26.28 21.66
N GLY A 58 -30.04 -26.50 20.95
CA GLY A 58 -30.09 -26.69 19.51
C GLY A 58 -30.62 -25.45 18.82
N ILE A 59 -31.41 -25.64 17.77
CA ILE A 59 -32.00 -24.52 17.04
C ILE A 59 -33.46 -24.28 17.40
N LEU A 60 -33.77 -23.14 18.02
CA LEU A 60 -35.16 -22.86 18.38
C LEU A 60 -35.95 -22.26 17.21
N GLU A 61 -37.23 -22.00 17.41
CA GLU A 61 -38.03 -21.23 16.46
C GLU A 61 -37.71 -19.76 16.72
N ASP A 62 -37.68 -18.94 15.66
CA ASP A 62 -37.27 -17.56 15.80
C ASP A 62 -35.86 -17.49 16.44
N SER A 63 -35.01 -18.44 16.04
CA SER A 63 -33.66 -18.55 16.57
C SER A 63 -32.67 -18.22 15.45
N LEU A 64 -33.11 -18.42 14.22
CA LEU A 64 -32.35 -18.05 13.05
C LEU A 64 -32.85 -16.69 12.54
N SER A 65 -33.63 -16.02 13.38
CA SER A 65 -34.09 -14.65 13.11
C SER A 65 -32.94 -13.65 13.11
N HIS A 66 -33.03 -12.65 12.23
CA HIS A 66 -31.92 -11.73 11.97
C HIS A 66 -31.75 -10.65 13.02
N ARG A 67 -30.52 -10.43 13.47
CA ARG A 67 -30.21 -9.28 14.31
C ARG A 67 -29.21 -8.29 13.69
N PRO A 68 -29.71 -7.12 13.30
CA PRO A 68 -28.91 -6.05 12.69
C PRO A 68 -27.66 -5.80 13.51
N LEU A 69 -26.51 -5.75 12.86
CA LEU A 69 -25.26 -5.49 13.56
C LEU A 69 -25.22 -4.09 14.15
N GLY A 70 -25.81 -3.12 13.45
CA GLY A 70 -25.78 -1.73 13.89
C GLY A 70 -24.37 -1.15 13.99
N ASN A 71 -24.16 -0.22 14.93
CA ASN A 71 -22.83 0.33 15.14
C ASN A 71 -21.92 -0.72 15.74
N THR A 72 -20.86 -1.03 15.01
CA THR A 72 -20.01 -2.15 15.34
C THR A 72 -18.61 -1.71 15.73
N LEU A 73 -18.23 -1.98 16.97
CA LEU A 73 -16.89 -1.72 17.43
C LEU A 73 -16.04 -2.93 17.13
N LEU A 74 -14.97 -2.73 16.37
CA LEU A 74 -14.08 -3.83 16.03
C LEU A 74 -12.69 -3.58 16.56
N THR A 75 -12.14 -4.57 17.23
CA THR A 75 -10.73 -4.53 17.61
C THR A 75 -9.92 -5.42 16.67
N GLY A 76 -8.60 -5.20 16.65
CA GLY A 76 -7.70 -5.97 15.81
C GLY A 76 -7.77 -5.71 14.31
N ALA A 77 -8.25 -4.54 13.94
CA ALA A 77 -8.47 -4.22 12.53
C ALA A 77 -7.16 -4.03 11.77
N THR A 78 -6.04 -3.86 12.48
CA THR A 78 -4.78 -3.70 11.78
C THR A 78 -4.11 -5.05 11.54
N GLY A 79 -4.83 -6.13 11.86
CA GLY A 79 -4.34 -7.48 11.67
C GLY A 79 -4.97 -8.21 10.50
N PHE A 80 -4.58 -9.48 10.35
CA PHE A 80 -4.94 -10.34 9.23
C PHE A 80 -6.43 -10.68 9.23
N LEU A 81 -6.89 -11.41 10.24
CA LEU A 81 -8.33 -11.67 10.33
C LEU A 81 -9.14 -10.36 10.31
N GLY A 82 -8.64 -9.32 10.96
CA GLY A 82 -9.30 -8.03 10.99
C GLY A 82 -9.64 -7.42 9.63
N ALA A 83 -8.71 -7.47 8.69
CA ALA A 83 -8.97 -6.95 7.35
C ALA A 83 -10.18 -7.65 6.74
N TYR A 84 -10.17 -8.97 6.81
CA TYR A 84 -11.25 -9.75 6.20
C TYR A 84 -12.55 -9.61 6.98
N LEU A 85 -12.45 -9.28 8.26
CA LEU A 85 -13.67 -9.00 9.01
C LEU A 85 -14.24 -7.68 8.52
N ILE A 86 -13.36 -6.70 8.25
CA ILE A 86 -13.82 -5.42 7.78
C ILE A 86 -14.46 -5.54 6.40
N GLU A 87 -13.91 -6.40 5.55
CA GLU A 87 -14.58 -6.64 4.28
C GLU A 87 -15.91 -7.39 4.47
N ALA A 88 -15.88 -8.45 5.27
CA ALA A 88 -17.07 -9.26 5.54
C ALA A 88 -18.22 -8.47 6.12
N LEU A 89 -17.92 -7.38 6.84
CA LEU A 89 -18.95 -6.52 7.46
C LEU A 89 -19.61 -5.55 6.47
N GLN A 90 -18.96 -5.29 5.35
CA GLN A 90 -19.39 -4.29 4.39
C GLN A 90 -20.85 -4.45 3.99
N GLY A 91 -21.67 -3.51 4.39
CA GLY A 91 -23.05 -3.51 3.97
C GLY A 91 -23.87 -4.38 4.89
N TYR A 92 -23.30 -4.67 6.05
CA TYR A 92 -24.06 -5.27 7.13
C TYR A 92 -23.97 -4.37 8.36
N SER A 93 -22.76 -3.93 8.68
CA SER A 93 -22.57 -2.97 9.75
C SER A 93 -23.11 -1.62 9.31
N HIS A 94 -23.75 -0.93 10.24
CA HIS A 94 -24.15 0.44 10.00
C HIS A 94 -22.91 1.33 9.84
N ARG A 95 -22.05 1.32 10.85
CA ARG A 95 -20.67 1.78 10.70
C ARG A 95 -19.75 0.85 11.45
N ILE A 96 -18.46 0.91 11.10
CA ILE A 96 -17.47 0.10 11.75
C ILE A 96 -16.51 0.98 12.49
N TYR A 97 -16.64 1.01 13.80
CA TYR A 97 -15.75 1.78 14.64
C TYR A 97 -14.52 0.93 14.96
N CYS A 98 -13.36 1.36 14.46
CA CYS A 98 -12.13 0.59 14.59
C CYS A 98 -11.24 1.10 15.69
N PHE A 99 -11.22 0.39 16.80
CA PHE A 99 -10.35 0.73 17.91
C PHE A 99 -8.93 0.30 17.58
N ILE A 100 -8.04 1.27 17.53
CA ILE A 100 -6.67 1.04 17.12
C ILE A 100 -5.70 1.80 18.02
N ARG A 101 -4.83 1.08 18.71
CA ARG A 101 -3.83 1.71 19.57
C ARG A 101 -2.72 2.31 18.73
N ALA A 102 -2.45 3.59 18.96
CA ALA A 102 -1.54 4.36 18.14
C ALA A 102 -1.27 5.70 18.79
N ASP A 103 -0.10 6.28 18.54
CA ASP A 103 0.28 7.54 19.18
C ASP A 103 -0.65 8.69 18.81
N ASN A 104 -1.29 8.58 17.65
CA ASN A 104 -2.28 9.57 17.24
C ASN A 104 -3.15 9.08 16.09
N GLU A 105 -4.19 9.84 15.80
CA GLU A 105 -5.15 9.49 14.77
C GLU A 105 -4.54 9.28 13.38
N GLU A 106 -3.55 10.09 13.01
CA GLU A 106 -2.95 10.00 11.69
C GLU A 106 -2.28 8.65 11.55
N ILE A 107 -1.42 8.30 12.49
CA ILE A 107 -0.72 7.03 12.35
C ILE A 107 -1.70 5.86 12.49
N ALA A 108 -2.82 6.08 13.17
CA ALA A 108 -3.81 5.01 13.32
C ALA A 108 -4.50 4.73 11.98
N TRP A 109 -4.92 5.80 11.31
CA TRP A 109 -5.38 5.69 9.93
C TRP A 109 -4.33 5.02 9.06
N TYR A 110 -3.07 5.44 9.18
CA TYR A 110 -2.01 4.84 8.38
C TYR A 110 -1.89 3.32 8.60
N LYS A 111 -1.98 2.89 9.84
CA LYS A 111 -1.91 1.47 10.12
C LYS A 111 -3.08 0.76 9.43
N LEU A 112 -4.30 1.22 9.71
CA LEU A 112 -5.49 0.59 9.12
C LEU A 112 -5.49 0.56 7.59
N THR A 114 -2.91 0.92 5.51
CA THR A 114 -1.84 0.13 4.98
C THR A 114 -2.19 -1.37 5.00
N ASN A 115 -2.76 -1.79 6.13
CA ASN A 115 -3.31 -3.14 6.25
C ASN A 115 -4.30 -3.42 5.13
N LEU A 116 -5.35 -2.62 5.04
CA LEU A 116 -6.41 -2.88 4.10
C LEU A 116 -5.87 -2.89 2.67
N ASN A 117 -4.87 -2.07 2.40
CA ASN A 117 -4.33 -1.96 1.06
C ASN A 117 -3.50 -3.16 0.67
N ASP A 118 -2.92 -3.87 1.64
CA ASP A 118 -2.20 -5.10 1.32
C ASP A 118 -3.08 -6.25 0.83
N TYR A 119 -4.36 -6.24 1.21
CA TYR A 119 -5.20 -7.38 0.88
C TYR A 119 -6.26 -7.07 -0.18
N PHE A 120 -6.68 -5.82 -0.27
CA PHE A 120 -7.81 -5.45 -1.13
C PHE A 120 -7.41 -4.37 -2.12
N SER A 121 -8.21 -4.18 -3.16
CA SER A 121 -7.89 -3.16 -4.16
C SER A 121 -8.21 -1.76 -3.67
N GLU A 122 -7.47 -0.78 -4.20
CA GLU A 122 -7.66 0.63 -3.91
C GLU A 122 -9.13 1.08 -4.03
N GLU A 123 -9.77 0.75 -5.15
CA GLU A 123 -11.21 0.96 -5.31
C GLU A 123 -11.98 0.44 -4.09
N THR A 124 -11.80 -0.84 -3.77
CA THR A 124 -12.51 -1.50 -2.67
C THR A 124 -12.28 -0.83 -1.33
N VAL A 125 -11.02 -0.54 -1.04
CA VAL A 125 -10.65 0.03 0.25
C VAL A 125 -11.25 1.42 0.40
N GLU A 126 -11.06 2.25 -0.62
CA GLU A 126 -11.64 3.59 -0.66
C GLU A 126 -13.13 3.50 -0.36
N LEU A 129 -13.82 2.92 3.35
CA LEU A 129 -13.56 4.10 4.20
C LEU A 129 -14.81 4.88 4.53
N SER A 130 -15.77 4.88 3.61
CA SER A 130 -16.99 5.62 3.81
C SER A 130 -17.80 5.07 4.98
N ASN A 131 -17.45 3.88 5.47
CA ASN A 131 -18.12 3.28 6.61
C ASN A 131 -17.21 3.11 7.80
N ILE A 132 -16.01 3.68 7.77
CA ILE A 132 -15.06 3.48 8.86
C ILE A 132 -14.81 4.71 9.72
N GLU A 133 -14.89 4.52 11.03
CA GLU A 133 -14.40 5.48 12.00
C GLU A 133 -13.26 4.79 12.70
N VAL A 134 -12.16 5.49 12.87
CA VAL A 134 -11.08 4.95 13.67
C VAL A 134 -11.14 5.63 15.02
N ILE A 135 -10.96 4.86 16.09
CA ILE A 135 -10.95 5.37 17.46
C ILE A 135 -9.59 5.09 18.11
N VAL A 136 -8.88 6.16 18.43
CA VAL A 136 -7.50 6.05 18.88
C VAL A 136 -7.39 5.70 20.34
N GLY A 137 -6.60 4.68 20.65
CA GLY A 137 -6.41 4.28 22.02
C GLY A 137 -4.95 4.32 22.39
N ASP A 138 -4.68 4.32 23.69
CA ASP A 138 -3.32 4.16 24.17
C ASP A 138 -3.31 3.17 25.32
N PHE A 139 -2.24 2.38 25.37
CA PHE A 139 -1.96 1.39 26.40
C PHE A 139 -2.24 1.90 27.82
N ASP A 143 -7.84 1.26 28.88
CA ASP A 143 -8.87 1.71 27.93
C ASP A 143 -10.07 2.41 28.61
N ASP A 144 -9.81 3.34 29.52
CA ASP A 144 -10.87 4.16 30.11
C ASP A 144 -11.28 5.26 29.14
N VAL A 145 -11.80 4.85 27.98
CA VAL A 145 -12.06 5.72 26.83
C VAL A 145 -13.54 5.83 26.48
N VAL A 146 -13.88 6.85 25.69
CA VAL A 146 -15.28 7.10 25.30
C VAL A 146 -15.48 6.96 23.79
N LEU A 147 -16.69 6.56 23.39
CA LEU A 147 -17.01 6.30 21.99
C LEU A 147 -18.13 7.21 21.47
N PRO A 148 -17.98 7.73 20.24
CA PRO A 148 -18.90 8.68 19.61
C PRO A 148 -20.40 8.32 19.62
N GLU A 149 -20.73 7.03 19.67
CA GLU A 149 -22.13 6.63 19.66
C GLU A 149 -22.34 5.46 20.59
N ASN A 150 -23.59 5.02 20.73
CA ASN A 150 -23.84 3.75 21.39
C ASN A 150 -23.63 2.57 20.46
N ASP A 152 -23.90 -1.19 19.07
CA ASP A 152 -24.84 -2.30 19.07
C ASP A 152 -24.10 -3.63 19.12
N THR A 153 -22.88 -3.66 18.63
CA THR A 153 -22.14 -4.91 18.52
C THR A 153 -20.65 -4.68 18.66
N ILE A 154 -20.00 -5.51 19.46
CA ILE A 154 -18.55 -5.45 19.58
C ILE A 154 -17.97 -6.77 19.13
N ILE A 155 -16.92 -6.70 18.33
CA ILE A 155 -16.24 -7.89 17.85
C ILE A 155 -14.80 -7.79 18.27
N HIS A 156 -14.40 -8.69 19.15
CA HIS A 156 -13.09 -8.62 19.76
C HIS A 156 -12.12 -9.64 19.14
N ALA A 157 -11.46 -9.23 18.07
CA ALA A 157 -10.43 -10.05 17.41
C ALA A 157 -9.09 -9.38 17.67
N GLY A 158 -8.01 -10.10 17.44
CA GLY A 158 -6.69 -9.52 17.68
C GLY A 158 -6.35 -9.03 19.10
N ALA A 159 -5.14 -9.37 19.55
CA ALA A 159 -4.66 -9.02 20.87
C ALA A 159 -3.54 -7.97 20.82
N ARG A 160 -3.22 -7.38 21.96
CA ARG A 160 -2.08 -6.47 22.05
C ARG A 160 -0.77 -7.28 22.00
N THR A 161 0.21 -6.76 21.27
CA THR A 161 1.51 -7.42 21.13
C THR A 161 2.64 -6.41 21.02
N GLU A 169 4.47 -10.91 31.54
CA GLU A 169 3.32 -11.64 31.03
C GLU A 169 2.49 -10.83 30.01
N PHE A 170 2.34 -11.38 28.80
CA PHE A 170 1.41 -10.84 27.80
C PHE A 170 -0.02 -11.21 28.20
N GLU A 171 -0.14 -12.17 29.11
CA GLU A 171 -1.45 -12.68 29.55
C GLU A 171 -2.27 -11.63 30.32
N LYS A 172 -1.66 -10.92 31.26
CA LYS A 172 -2.40 -9.94 32.05
C LYS A 172 -2.94 -8.80 31.17
N VAL A 173 -2.12 -8.27 30.27
CA VAL A 173 -2.54 -7.14 29.44
C VAL A 173 -3.65 -7.51 28.49
N ASN A 174 -3.54 -8.72 27.92
CA ASN A 174 -4.52 -9.23 26.98
C ASN A 174 -5.86 -9.55 27.63
N VAL A 175 -5.81 -10.29 28.73
CA VAL A 175 -7.00 -10.54 29.53
C VAL A 175 -7.63 -9.20 29.92
N GLN A 176 -6.82 -8.26 30.34
CA GLN A 176 -7.30 -6.93 30.70
C GLN A 176 -7.98 -6.24 29.51
N GLY A 177 -7.52 -6.56 28.31
CA GLY A 177 -8.14 -6.05 27.11
C GLY A 177 -9.53 -6.63 26.95
N THR A 178 -9.63 -7.94 27.07
CA THR A 178 -10.92 -8.64 27.08
C THR A 178 -11.89 -8.06 28.13
N VAL A 179 -11.37 -7.73 29.31
CA VAL A 179 -12.22 -7.17 30.37
C VAL A 179 -12.65 -5.73 30.05
N ASP A 180 -11.75 -4.92 29.53
CA ASP A 180 -12.10 -3.57 29.07
C ASP A 180 -13.25 -3.64 28.05
N VAL A 181 -13.13 -4.57 27.12
CA VAL A 181 -14.17 -4.82 26.11
C VAL A 181 -15.49 -5.31 26.73
N ILE A 182 -15.42 -6.17 27.72
CA ILE A 182 -16.61 -6.61 28.41
C ILE A 182 -17.33 -5.44 29.11
N ARG A 183 -16.57 -4.62 29.84
CA ARG A 183 -17.15 -3.44 30.50
C ARG A 183 -17.87 -2.62 29.45
N LEU A 184 -17.20 -2.41 28.32
CA LEU A 184 -17.75 -1.60 27.24
C LEU A 184 -19.08 -2.16 26.72
N ALA A 185 -19.12 -3.47 26.50
CA ALA A 185 -20.31 -4.10 25.94
C ALA A 185 -21.45 -4.11 26.96
N GLN A 186 -21.07 -4.09 28.23
CA GLN A 186 -22.06 -4.03 29.29
C GLN A 186 -22.67 -2.64 29.38
N GLN A 187 -21.82 -1.61 29.27
CA GLN A 187 -22.29 -0.23 29.31
C GLN A 187 -23.16 0.10 28.08
N HIS A 188 -22.83 -0.47 26.92
CA HIS A 188 -23.55 -0.17 25.69
C HIS A 188 -24.68 -1.15 25.38
N HIS A 189 -24.84 -2.14 26.25
CA HIS A 189 -25.81 -3.22 26.04
C HIS A 189 -25.65 -3.78 24.63
N ALA A 190 -24.45 -4.25 24.33
CA ALA A 190 -24.10 -4.70 22.99
C ALA A 190 -23.85 -6.17 22.97
N ARG A 191 -24.27 -6.83 21.90
CA ARG A 191 -23.85 -8.20 21.66
C ARG A 191 -22.33 -8.17 21.51
N LEU A 192 -21.65 -8.98 22.31
CA LEU A 192 -20.22 -9.13 22.23
C LEU A 192 -19.83 -10.42 21.53
N ILE A 193 -19.11 -10.33 20.43
CA ILE A 193 -18.53 -11.53 19.85
C ILE A 193 -17.07 -11.53 20.24
N TYR A 194 -16.63 -12.58 20.95
CA TYR A 194 -15.22 -12.72 21.28
C TYR A 194 -14.56 -13.76 20.40
N VAL A 195 -13.45 -13.38 19.76
CA VAL A 195 -12.77 -14.30 18.85
C VAL A 195 -11.62 -15.01 19.53
N SER A 196 -11.78 -16.32 19.68
CA SER A 196 -10.83 -17.18 20.36
C SER A 196 -10.22 -18.23 19.41
N THR A 197 -9.43 -19.13 19.98
CA THR A 197 -8.77 -20.12 19.14
C THR A 197 -9.04 -21.53 19.62
N ILE A 198 -9.27 -22.44 18.66
CA ILE A 198 -9.51 -23.84 19.01
C ILE A 198 -8.37 -24.41 19.85
N SER A 199 -7.21 -23.75 19.80
CA SER A 199 -6.05 -24.25 20.51
C SER A 199 -6.15 -24.10 22.03
N VAL A 200 -7.26 -23.56 22.52
CA VAL A 200 -7.48 -23.59 23.96
C VAL A 200 -7.84 -25.00 24.41
N GLY A 201 -8.15 -25.88 23.46
CA GLY A 201 -8.48 -27.25 23.79
C GLY A 201 -8.00 -28.27 22.76
N THR A 202 -6.75 -28.13 22.34
CA THR A 202 -6.23 -29.04 21.32
C THR A 202 -5.21 -30.03 21.88
N TYR A 203 -4.52 -29.66 22.96
CA TYR A 203 -3.48 -30.53 23.52
C TYR A 203 -3.80 -31.10 24.91
N PHE A 204 -3.91 -32.43 25.01
CA PHE A 204 -4.05 -33.09 26.30
C PHE A 204 -2.76 -33.81 26.67
N ASP A 205 -2.72 -34.34 27.88
CA ASP A 205 -1.61 -35.20 28.27
C ASP A 205 -1.79 -36.54 27.55
N ILE A 206 -0.71 -37.31 27.42
CA ILE A 206 -0.79 -38.60 26.77
C ILE A 206 -1.54 -39.61 27.66
N ASP A 207 -1.48 -39.36 28.97
CA ASP A 207 -2.14 -40.23 29.94
C ASP A 207 -3.67 -40.13 29.92
N THR A 208 -4.19 -38.96 29.55
CA THR A 208 -5.63 -38.73 29.53
C THR A 208 -6.33 -39.52 28.42
N GLU A 209 -7.55 -39.99 28.73
CA GLU A 209 -8.31 -40.82 27.79
C GLU A 209 -9.36 -40.03 27.04
N ASP A 210 -10.17 -39.29 27.77
CA ASP A 210 -11.22 -38.45 27.18
C ASP A 210 -10.56 -37.23 26.57
N VAL A 211 -10.40 -37.22 25.25
CA VAL A 211 -9.72 -36.12 24.58
C VAL A 211 -10.51 -35.47 23.44
N THR A 212 -11.83 -35.58 23.46
CA THR A 212 -12.67 -34.86 22.52
C THR A 212 -12.66 -33.39 22.91
N PHE A 213 -13.12 -32.53 22.02
CA PHE A 213 -13.30 -31.13 22.40
C PHE A 213 -14.35 -30.51 21.49
N SER A 214 -15.50 -30.20 22.08
CA SER A 214 -16.61 -29.70 21.30
C SER A 214 -17.00 -28.34 21.81
N GLU A 215 -18.03 -27.78 21.19
CA GLU A 215 -18.57 -26.48 21.55
C GLU A 215 -19.26 -26.48 22.94
N ALA A 216 -19.35 -27.65 23.55
CA ALA A 216 -19.91 -27.80 24.89
C ALA A 216 -18.82 -27.83 25.97
N ASP A 217 -17.56 -27.77 25.55
CA ASP A 217 -16.44 -27.84 26.48
C ASP A 217 -15.80 -26.47 26.78
N VAL A 218 -15.31 -26.35 28.01
CA VAL A 218 -14.52 -25.20 28.42
C VAL A 218 -13.17 -25.67 28.97
N TYR A 219 -13.21 -26.42 30.05
CA TYR A 219 -12.00 -27.05 30.61
C TYR A 219 -12.22 -28.55 30.82
N LYS A 220 -11.35 -29.36 30.20
CA LYS A 220 -11.44 -30.81 30.34
C LYS A 220 -10.20 -31.45 30.95
N GLY A 221 -9.30 -30.64 31.49
CA GLY A 221 -7.95 -31.13 31.78
C GLY A 221 -6.88 -30.77 30.76
N GLN A 222 -7.27 -30.12 29.66
CA GLN A 222 -6.32 -29.79 28.58
C GLN A 222 -5.06 -29.07 29.02
N LEU A 223 -3.97 -29.27 28.26
CA LEU A 223 -2.73 -28.53 28.48
C LEU A 223 -2.83 -27.14 27.83
N LEU A 224 -2.46 -26.12 28.58
CA LEU A 224 -2.44 -24.77 28.07
C LEU A 224 -1.03 -24.22 28.22
N THR A 225 -0.12 -24.72 27.40
CA THR A 225 1.30 -24.41 27.56
C THR A 225 1.63 -23.01 27.07
N SER A 226 1.21 -22.69 25.85
CA SER A 226 1.48 -21.39 25.25
C SER A 226 0.86 -20.26 26.07
N PRO A 227 1.53 -19.10 26.14
CA PRO A 227 0.96 -17.94 26.82
C PRO A 227 -0.17 -17.31 25.99
N TYR A 228 -0.09 -17.44 24.67
CA TYR A 228 -1.15 -16.99 23.78
C TYR A 228 -2.45 -17.72 24.08
N THR A 229 -2.39 -19.04 24.10
CA THR A 229 -3.59 -19.83 24.33
C THR A 229 -4.11 -19.64 25.74
N ARG A 230 -3.22 -19.51 26.72
CA ARG A 230 -3.64 -19.31 28.09
C ARG A 230 -4.41 -18.00 28.18
N SER A 231 -3.90 -16.97 27.51
CA SER A 231 -4.58 -15.69 27.45
C SER A 231 -5.96 -15.83 26.80
N LYS A 232 -6.05 -16.60 25.71
CA LYS A 232 -7.33 -16.81 25.03
C LYS A 232 -8.33 -17.50 25.96
N PHE A 233 -7.82 -18.45 26.72
CA PHE A 233 -8.61 -19.24 27.67
C PHE A 233 -9.16 -18.37 28.78
N TYR A 234 -8.28 -17.67 29.47
CA TYR A 234 -8.71 -16.77 30.53
C TYR A 234 -9.69 -15.74 30.02
N SER A 235 -9.51 -15.31 28.77
CA SER A 235 -10.45 -14.40 28.14
C SER A 235 -11.82 -15.08 27.98
N GLU A 236 -11.83 -16.33 27.52
CA GLU A 236 -13.07 -17.13 27.46
C GLU A 236 -13.77 -17.16 28.82
N LEU A 237 -13.01 -17.37 29.90
CA LEU A 237 -13.60 -17.43 31.23
C LEU A 237 -14.20 -16.08 31.67
N LYS A 238 -13.53 -14.99 31.30
CA LYS A 238 -14.08 -13.68 31.60
C LYS A 238 -15.40 -13.45 30.84
N VAL A 239 -15.42 -13.80 29.55
CA VAL A 239 -16.64 -13.55 28.76
C VAL A 239 -17.80 -14.44 29.24
N LEU A 240 -17.48 -15.69 29.59
CA LEU A 240 -18.47 -16.60 30.17
C LEU A 240 -19.03 -16.06 31.49
N GLU A 241 -18.16 -15.59 32.38
CA GLU A 241 -18.69 -15.02 33.62
C GLU A 241 -19.59 -13.83 33.31
N ALA A 242 -19.22 -13.04 32.30
CA ALA A 242 -20.03 -11.90 31.91
C ALA A 242 -21.41 -12.32 31.42
N VAL A 243 -21.43 -13.40 30.63
CA VAL A 243 -22.65 -13.95 30.06
C VAL A 243 -23.55 -14.48 31.18
N ASN A 244 -22.93 -15.21 32.10
CA ASN A 244 -23.62 -15.76 33.26
C ASN A 244 -24.29 -14.66 34.05
N ASN A 245 -23.75 -13.44 33.96
CA ASN A 245 -24.39 -12.26 34.55
C ASN A 245 -25.32 -11.52 33.61
N GLY A 246 -25.49 -12.02 32.38
CA GLY A 246 -26.55 -11.56 31.52
C GLY A 246 -26.15 -10.91 30.22
N LEU A 247 -24.85 -10.79 29.98
CA LEU A 247 -24.36 -10.23 28.71
C LEU A 247 -24.75 -11.13 27.56
N ASP A 248 -25.16 -10.52 26.45
CA ASP A 248 -25.29 -11.27 25.20
C ASP A 248 -23.90 -11.49 24.59
N GLY A 249 -23.27 -12.62 24.91
CA GLY A 249 -21.90 -12.85 24.51
C GLY A 249 -21.66 -14.20 23.85
N ARG A 250 -21.03 -14.19 22.70
CA ARG A 250 -20.67 -15.43 22.01
C ARG A 250 -19.18 -15.57 21.93
N ILE A 251 -18.71 -16.79 21.87
CA ILE A 251 -17.29 -17.05 21.72
C ILE A 251 -17.12 -17.87 20.47
N VAL A 252 -16.32 -17.38 19.54
CA VAL A 252 -16.08 -18.14 18.31
C VAL A 252 -14.65 -18.60 18.24
N ARG A 253 -14.46 -19.92 18.30
CA ARG A 253 -13.10 -20.48 18.25
C ARG A 253 -12.70 -20.70 16.81
N VAL A 254 -11.50 -20.24 16.44
CA VAL A 254 -11.12 -20.35 15.04
C VAL A 254 -9.88 -21.21 14.84
N GLY A 255 -9.68 -21.61 13.59
CA GLY A 255 -8.67 -22.59 13.25
C GLY A 255 -7.32 -22.01 12.92
N ASN A 256 -6.61 -22.72 12.05
CA ASN A 256 -5.30 -22.27 11.57
C ASN A 256 -5.51 -21.36 10.37
N LEU A 257 -5.53 -20.05 10.61
CA LEU A 257 -5.87 -19.07 9.57
C LEU A 257 -4.83 -18.98 8.43
N THR A 258 -5.31 -19.16 7.20
CA THR A 258 -4.44 -19.15 6.04
C THR A 258 -4.91 -18.14 5.02
N SER A 259 -4.26 -18.11 3.87
CA SER A 259 -4.68 -17.27 2.78
C SER A 259 -6.15 -17.48 2.45
N PRO A 260 -6.82 -16.47 1.90
CA PRO A 260 -8.22 -16.65 1.55
C PRO A 260 -8.40 -17.81 0.59
N TYR A 261 -9.57 -18.45 0.59
CA TYR A 261 -9.88 -19.41 -0.46
C TYR A 261 -9.79 -18.64 -1.77
N ASN A 262 -10.31 -17.43 -1.75
CA ASN A 262 -10.34 -16.64 -2.97
C ASN A 262 -9.97 -15.16 -2.77
N GLY A 263 -8.69 -14.86 -3.02
CA GLY A 263 -8.17 -13.51 -2.83
C GLY A 263 -6.68 -13.48 -3.08
N ARG A 264 -5.97 -12.62 -2.37
CA ARG A 264 -4.52 -12.54 -2.51
C ARG A 264 -3.81 -13.51 -1.55
N TRP A 265 -2.69 -14.07 -1.98
CA TRP A 265 -1.93 -14.99 -1.15
C TRP A 265 -1.37 -14.29 0.08
N HIS A 266 -0.96 -13.04 -0.11
CA HIS A 266 -0.25 -12.28 0.91
C HIS A 266 -0.85 -12.28 2.29
N ARG A 268 0.44 -10.44 5.90
CA ARG A 268 1.44 -9.61 6.55
C ARG A 268 2.03 -10.38 7.70
N ASN A 269 3.34 -10.23 7.89
CA ASN A 269 4.10 -10.93 8.93
C ASN A 269 4.01 -12.45 8.88
N ILE A 270 3.92 -13.01 7.67
CA ILE A 270 3.85 -14.45 7.48
C ILE A 270 5.14 -15.13 7.92
N LYS A 271 6.22 -14.35 7.94
CA LYS A 271 7.54 -14.80 8.34
C LYS A 271 7.60 -15.23 9.82
N THR A 272 6.65 -14.75 10.61
CA THR A 272 6.65 -15.03 12.04
C THR A 272 5.44 -15.90 12.37
N ASN A 273 4.86 -16.52 11.37
CA ASN A 273 3.67 -17.36 11.55
C ASN A 273 4.01 -18.86 11.62
N ARG A 274 4.13 -19.41 12.84
CA ARG A 274 4.66 -20.76 13.08
C ARG A 274 4.26 -21.87 12.08
N PHE A 275 3.00 -21.88 11.65
CA PHE A 275 2.56 -22.80 10.59
C PHE A 275 3.32 -22.58 9.28
N SER A 276 3.41 -21.32 8.83
CA SER A 276 4.15 -20.98 7.63
C SER A 276 5.65 -21.32 7.74
N VAL A 278 7.09 -23.61 9.71
CA VAL A 278 7.23 -25.06 9.71
C VAL A 278 7.00 -25.62 8.30
N ASN A 280 7.54 -24.06 5.46
CA ASN A 280 8.71 -23.74 4.67
C ASN A 280 9.78 -24.77 4.91
N ASP A 281 10.12 -24.98 6.18
CA ASP A 281 11.10 -26.01 6.55
C ASP A 281 10.80 -27.35 5.88
N LEU A 282 9.58 -27.86 6.07
CA LEU A 282 9.21 -29.14 5.50
C LEU A 282 9.22 -29.15 3.97
N LEU A 283 8.94 -28.00 3.36
CA LEU A 283 8.97 -27.90 1.90
C LEU A 283 10.40 -27.92 1.30
N GLN A 284 11.38 -27.33 1.99
CA GLN A 284 12.78 -27.50 1.61
C GLN A 284 13.20 -28.97 1.65
N LEU A 285 12.81 -29.66 2.71
CA LEU A 285 13.24 -31.03 2.95
C LEU A 285 12.82 -31.99 1.85
N ASP A 286 13.54 -33.10 1.77
CA ASP A 286 13.27 -34.12 0.76
C ASP A 286 12.67 -35.38 1.39
N CYS A 287 12.14 -35.22 2.60
CA CYS A 287 11.51 -36.32 3.33
C CYS A 287 10.75 -35.82 4.57
N ILE A 288 10.10 -36.72 5.29
CA ILE A 288 9.51 -36.37 6.59
C ILE A 288 9.71 -37.48 7.63
N GLY A 289 9.62 -37.10 8.91
CA GLY A 289 9.76 -38.05 10.00
C GLY A 289 8.47 -38.76 10.30
N VAL A 290 8.55 -39.90 10.98
CA VAL A 290 7.39 -40.75 11.18
C VAL A 290 6.30 -40.05 11.97
N SER A 291 6.70 -39.31 13.00
CA SER A 291 5.72 -38.71 13.91
C SER A 291 5.20 -37.39 13.34
N ALA A 293 4.75 -36.86 9.73
CA ALA A 293 3.91 -37.10 8.56
C ALA A 293 2.47 -37.33 8.98
N GLU A 294 2.27 -37.92 10.15
CA GLU A 294 0.94 -38.20 10.68
C GLU A 294 0.16 -36.94 11.17
N PRO A 296 -2.00 -33.72 11.55
CA PRO A 296 -3.09 -33.08 10.81
C PRO A 296 -2.88 -31.57 10.60
N VAL A 297 -3.23 -31.12 9.40
CA VAL A 297 -3.11 -29.72 8.99
C VAL A 297 -4.46 -29.26 8.44
N ASP A 298 -4.92 -28.10 8.90
CA ASP A 298 -6.17 -27.54 8.36
C ASP A 298 -5.93 -26.19 7.71
N PHE A 299 -6.46 -26.03 6.50
CA PHE A 299 -6.44 -24.74 5.82
C PHE A 299 -7.74 -23.98 6.08
N SER A 300 -7.72 -23.15 7.11
CA SER A 300 -8.90 -22.40 7.51
C SER A 300 -8.82 -20.99 6.95
N PHE A 301 -9.30 -20.86 5.72
CA PHE A 301 -9.22 -19.62 4.97
C PHE A 301 -9.72 -18.42 5.75
N VAL A 302 -8.89 -17.38 5.81
CA VAL A 302 -9.26 -16.17 6.53
C VAL A 302 -10.57 -15.60 6.02
N ASP A 303 -10.77 -15.61 4.71
CA ASP A 303 -11.99 -15.03 4.18
C ASP A 303 -13.24 -15.83 4.60
N THR A 304 -13.19 -17.15 4.45
CA THR A 304 -14.31 -17.99 4.85
C THR A 304 -14.61 -17.89 6.35
N THR A 305 -13.57 -17.91 7.16
CA THR A 305 -13.70 -17.63 8.57
C THR A 305 -14.47 -16.33 8.84
N ALA A 306 -13.95 -15.21 8.34
CA ALA A 306 -14.59 -13.92 8.48
C ALA A 306 -16.05 -13.90 8.04
N ARG A 307 -16.34 -14.52 6.89
CA ARG A 307 -17.70 -14.57 6.37
C ARG A 307 -18.63 -15.33 7.31
N GLN A 308 -18.11 -16.43 7.86
CA GLN A 308 -18.88 -17.26 8.79
C GLN A 308 -19.15 -16.53 10.12
N ILE A 309 -18.10 -16.01 10.76
CA ILE A 309 -18.25 -15.16 11.94
C ILE A 309 -19.28 -14.04 11.77
N VAL A 310 -19.22 -13.35 10.64
CA VAL A 310 -20.18 -12.26 10.43
C VAL A 310 -21.63 -12.73 10.23
N ALA A 311 -21.80 -13.84 9.53
CA ALA A 311 -23.11 -14.47 9.43
C ALA A 311 -23.65 -14.82 10.82
N LEU A 312 -22.75 -15.30 11.67
CA LEU A 312 -23.12 -15.86 12.95
C LEU A 312 -23.50 -14.76 13.91
N ALA A 313 -22.83 -13.62 13.79
CA ALA A 313 -23.12 -12.48 14.64
C ALA A 313 -24.49 -11.81 14.36
N GLN A 314 -25.23 -12.32 13.37
CA GLN A 314 -26.51 -11.74 12.99
C GLN A 314 -27.73 -12.64 13.23
N VAL A 315 -27.50 -13.85 13.72
CA VAL A 315 -28.61 -14.73 14.10
C VAL A 315 -28.80 -14.78 15.62
N ASN A 316 -29.82 -15.50 16.06
CA ASN A 316 -30.15 -15.50 17.49
C ASN A 316 -30.11 -16.86 18.14
N THR A 317 -29.21 -17.70 17.65
CA THR A 317 -28.92 -18.99 18.24
C THR A 317 -28.47 -18.79 19.68
N PRO A 318 -28.96 -19.64 20.60
CA PRO A 318 -28.75 -19.51 22.04
C PRO A 318 -27.40 -20.03 22.53
N GLN A 319 -26.69 -20.78 21.69
CA GLN A 319 -25.38 -21.31 22.04
C GLN A 319 -24.39 -20.21 22.38
N ILE A 320 -23.50 -20.48 23.32
CA ILE A 320 -22.53 -19.49 23.73
C ILE A 320 -21.20 -19.69 23.01
N ILE A 321 -20.88 -20.94 22.67
CA ILE A 321 -19.62 -21.22 22.01
C ILE A 321 -19.82 -21.88 20.66
N TYR A 322 -19.04 -21.42 19.68
CA TYR A 322 -19.11 -21.90 18.30
C TYR A 322 -17.71 -22.31 17.82
N HIS A 323 -17.65 -23.28 16.92
CA HIS A 323 -16.38 -23.64 16.26
C HIS A 323 -16.36 -23.28 14.78
N VAL A 324 -15.69 -22.18 14.44
CA VAL A 324 -15.56 -21.73 13.06
C VAL A 324 -14.18 -22.07 12.51
N LEU A 325 -14.03 -23.31 12.07
CA LEU A 325 -12.80 -23.78 11.44
C LEU A 325 -13.09 -24.78 10.33
N SER A 326 -12.11 -25.01 9.47
CA SER A 326 -12.29 -25.96 8.38
C SER A 326 -12.48 -27.40 8.88
N PRO A 327 -13.60 -28.02 8.49
CA PRO A 327 -13.92 -29.40 8.87
C PRO A 327 -13.22 -30.39 7.96
N ASN A 328 -12.24 -29.92 7.21
CA ASN A 328 -11.50 -30.78 6.27
C ASN A 328 -10.01 -30.68 6.55
N LYS A 329 -9.59 -31.26 7.67
CA LYS A 329 -8.17 -31.36 7.99
C LYS A 329 -7.63 -32.47 7.09
N PRO A 331 -3.56 -34.73 6.64
CA PRO A 331 -2.25 -34.88 7.28
C PRO A 331 -1.08 -34.31 6.45
N VAL A 332 -0.01 -33.88 7.14
CA VAL A 332 1.12 -33.18 6.52
C VAL A 332 1.70 -33.91 5.33
N LYS A 333 1.85 -35.23 5.44
CA LYS A 333 2.39 -36.00 4.33
C LYS A 333 1.44 -35.95 3.13
N SER A 334 0.14 -36.09 3.36
CA SER A 334 -0.84 -36.06 2.27
C SER A 334 -0.74 -34.74 1.47
N LEU A 335 -0.54 -33.65 2.20
CA LEU A 335 -0.32 -32.33 1.60
C LEU A 335 1.00 -32.24 0.84
N LEU A 336 2.08 -32.53 1.55
CA LEU A 336 3.44 -32.53 1.02
C LEU A 336 3.51 -33.33 -0.27
N GLU A 337 2.77 -34.43 -0.33
CA GLU A 337 2.72 -35.28 -1.51
C GLU A 337 1.89 -34.61 -2.60
N CYS A 338 0.68 -34.15 -2.24
CA CYS A 338 -0.16 -33.41 -3.19
C CYS A 338 0.52 -32.17 -3.82
N VAL A 339 1.64 -31.74 -3.22
CA VAL A 339 2.34 -30.57 -3.74
C VAL A 339 3.72 -30.83 -4.38
N LYS A 340 4.51 -31.73 -3.81
CA LYS A 340 5.77 -32.11 -4.45
C LYS A 340 5.47 -32.84 -5.76
N ARG A 341 4.30 -33.48 -5.82
CA ARG A 341 3.93 -34.38 -6.92
C ARG A 341 4.99 -35.48 -7.04
N LYS A 342 5.44 -35.96 -5.88
CA LYS A 342 6.46 -36.98 -5.76
C LYS A 342 6.31 -37.59 -4.37
N GLU A 343 6.41 -38.92 -4.26
CA GLU A 343 6.23 -39.58 -2.97
C GLU A 343 7.31 -39.16 -1.96
N ILE A 344 6.88 -38.59 -0.83
CA ILE A 344 7.81 -38.19 0.22
C ILE A 344 8.35 -39.42 0.96
N GLU A 345 9.66 -39.44 1.22
CA GLU A 345 10.28 -40.58 1.91
C GLU A 345 10.18 -40.45 3.44
N LEU A 346 9.96 -41.56 4.13
CA LEU A 346 9.72 -41.51 5.58
C LEU A 346 10.93 -41.97 6.42
N VAL A 347 11.65 -41.01 6.99
CA VAL A 347 12.79 -41.33 7.85
C VAL A 347 12.33 -41.42 9.31
N SER A 348 13.14 -42.07 10.16
CA SER A 348 12.86 -42.17 11.59
C SER A 348 12.63 -40.78 12.22
N ASP A 349 11.95 -40.71 13.36
CA ASP A 349 11.82 -39.43 14.06
C ASP A 349 13.22 -39.00 14.53
N GLU A 350 14.06 -40.00 14.82
CA GLU A 350 15.45 -39.78 15.23
C GLU A 350 16.32 -39.21 14.09
N SER A 351 16.42 -39.94 12.98
CA SER A 351 17.22 -39.49 11.83
C SER A 351 16.71 -38.16 11.28
N PHE A 352 15.39 -38.00 11.27
CA PHE A 352 14.77 -36.73 10.88
C PHE A 352 15.14 -35.58 11.84
N ASN A 353 15.10 -35.81 13.15
CA ASN A 353 15.51 -34.76 14.09
C ASN A 353 17.00 -34.41 13.93
N GLU A 354 17.81 -35.41 13.57
CA GLU A 354 19.18 -35.14 13.13
C GLU A 354 19.20 -34.15 11.95
N ILE A 355 18.51 -34.50 10.85
CA ILE A 355 18.54 -33.65 9.66
C ILE A 355 17.96 -32.25 9.91
N LEU A 356 16.97 -32.14 10.80
CA LEU A 356 16.40 -30.84 11.17
C LEU A 356 17.41 -30.01 11.98
N GLN A 357 18.12 -30.68 12.88
CA GLN A 357 19.09 -29.99 13.74
C GLN A 357 20.33 -29.55 12.95
N LYS A 358 20.67 -30.29 11.90
CA LYS A 358 21.84 -29.95 11.08
C LYS A 358 21.61 -28.67 10.29
N GLN A 359 20.40 -28.52 9.74
CA GLN A 359 20.08 -27.37 8.90
C GLN A 359 19.63 -26.17 9.75
N ASP A 360 19.88 -26.26 11.06
CA ASP A 360 19.55 -25.21 12.02
C ASP A 360 18.08 -24.79 11.99
N TYR A 362 15.43 -24.67 14.03
CA TYR A 362 14.89 -24.65 15.38
C TYR A 362 13.36 -24.66 15.34
N GLU A 363 12.82 -23.97 14.34
CA GLU A 363 11.37 -23.80 14.21
C GLU A 363 10.61 -25.10 14.10
N THR A 364 11.07 -26.02 13.24
CA THR A 364 10.36 -27.28 13.07
C THR A 364 10.66 -28.28 14.21
N ILE A 365 11.82 -28.11 14.84
CA ILE A 365 12.19 -28.94 15.99
C ILE A 365 11.30 -28.63 17.21
N GLY A 366 10.98 -27.35 17.41
CA GLY A 366 10.10 -26.95 18.50
C GLY A 366 8.71 -27.58 18.45
N LEU A 367 8.10 -27.55 17.28
CA LEU A 367 6.81 -28.22 17.09
C LEU A 367 6.94 -29.76 17.14
N THR A 368 8.07 -30.31 16.65
CA THR A 368 8.30 -31.76 16.80
C THR A 368 8.26 -32.18 18.29
N SER A 369 8.90 -31.37 19.12
CA SER A 369 8.89 -31.56 20.57
C SER A 369 7.52 -31.30 21.21
N VAL A 370 6.73 -30.40 20.63
CA VAL A 370 5.36 -30.20 21.10
C VAL A 370 4.42 -31.36 20.72
N ASP A 371 4.79 -32.14 19.69
CA ASP A 371 3.97 -33.29 19.28
C ASP A 371 4.36 -34.60 19.97
N ARG A 372 5.65 -34.81 20.20
CA ARG A 372 6.10 -36.05 20.86
C ARG A 372 5.69 -36.19 22.34
N GLU A 373 5.55 -35.06 23.04
CA GLU A 373 5.28 -35.09 24.48
C GLU A 373 3.87 -34.63 24.89
N GLN A 374 2.99 -34.49 23.90
CA GLN A 374 1.59 -34.11 24.14
C GLN A 374 0.66 -35.00 23.28
N GLN A 375 -0.64 -35.04 23.60
CA GLN A 375 -1.62 -35.79 22.80
C GLN A 375 -2.59 -34.87 22.03
N LEU A 376 -2.97 -35.26 20.82
CA LEU A 376 -3.79 -34.38 19.98
C LEU A 376 -5.28 -34.64 20.14
N ALA A 377 -6.02 -33.60 20.55
CA ALA A 377 -7.47 -33.68 20.77
C ALA A 377 -8.28 -33.97 19.50
N ILE A 379 -11.33 -32.73 17.84
CA ILE A 379 -12.20 -31.56 17.82
C ILE A 379 -13.54 -31.86 17.16
N ASP A 380 -14.63 -31.42 17.79
CA ASP A 380 -15.97 -31.66 17.24
C ASP A 380 -16.67 -30.37 16.83
N THR A 381 -17.12 -30.30 15.57
CA THR A 381 -17.78 -29.12 15.04
C THR A 381 -19.24 -29.33 14.58
N THR A 382 -19.87 -30.40 15.03
CA THR A 382 -21.16 -30.82 14.46
C THR A 382 -22.30 -29.80 14.59
N LEU A 383 -22.40 -29.16 15.76
CA LEU A 383 -23.41 -28.16 16.01
C LEU A 383 -23.16 -26.89 15.16
N THR A 384 -21.97 -26.32 15.28
CA THR A 384 -21.69 -25.12 14.52
C THR A 384 -21.89 -25.35 13.01
N LEU A 385 -21.56 -26.55 12.54
CA LEU A 385 -21.79 -26.87 11.13
C LEU A 385 -23.27 -26.81 10.82
N LYS A 386 -24.08 -27.51 11.61
CA LYS A 386 -25.54 -27.51 11.40
C LYS A 386 -26.10 -26.08 11.31
N ILE A 387 -25.74 -25.25 12.29
CA ILE A 387 -26.19 -23.85 12.30
C ILE A 387 -25.74 -23.14 11.04
N ASN A 389 -25.09 -24.44 7.99
CA ASN A 389 -25.90 -24.85 6.83
C ASN A 389 -27.31 -24.29 6.89
N HIS A 390 -27.74 -23.88 8.07
CA HIS A 390 -29.04 -23.20 8.19
C HIS A 390 -29.01 -21.75 7.71
N ILE A 391 -27.80 -21.20 7.65
CA ILE A 391 -27.56 -19.85 7.16
C ILE A 391 -27.12 -19.88 5.71
N SER A 392 -27.15 -21.08 5.12
CA SER A 392 -26.69 -21.26 3.75
C SER A 392 -25.22 -20.89 3.57
N GLU A 393 -24.41 -21.19 4.59
CA GLU A 393 -22.98 -20.93 4.53
C GLU A 393 -22.23 -22.26 4.61
N LYS A 394 -21.31 -22.48 3.68
CA LYS A 394 -20.55 -23.72 3.65
C LYS A 394 -19.06 -23.50 3.40
N TRP A 395 -18.23 -24.39 3.94
CA TRP A 395 -16.79 -24.38 3.69
C TRP A 395 -16.43 -24.81 2.28
N PRO A 396 -15.64 -23.99 1.58
CA PRO A 396 -15.36 -24.27 0.17
C PRO A 396 -14.39 -25.43 -0.02
N THR A 397 -14.46 -26.07 -1.18
CA THR A 397 -13.68 -27.27 -1.47
C THR A 397 -12.27 -26.94 -1.98
N ILE A 398 -11.27 -27.52 -1.32
CA ILE A 398 -9.87 -27.18 -1.57
C ILE A 398 -9.24 -28.00 -2.72
N THR A 399 -8.50 -27.33 -3.58
CA THR A 399 -8.03 -27.95 -4.82
C THR A 399 -6.51 -28.13 -4.91
N ASN A 400 -6.08 -28.97 -5.84
CA ASN A 400 -4.66 -29.29 -5.97
C ASN A 400 -3.92 -28.08 -6.55
N ASN A 401 -4.59 -27.34 -7.41
CA ASN A 401 -4.04 -26.10 -7.95
C ASN A 401 -3.75 -25.10 -6.83
N TRP A 402 -4.77 -24.90 -6.01
CA TRP A 402 -4.69 -23.97 -4.89
C TRP A 402 -3.52 -24.33 -3.98
N LEU A 403 -3.37 -25.60 -3.67
CA LEU A 403 -2.28 -26.05 -2.82
C LEU A 403 -0.90 -25.89 -3.50
N TYR A 404 -0.87 -26.06 -4.81
CA TYR A 404 0.38 -25.86 -5.52
C TYR A 404 0.84 -24.41 -5.41
N HIS A 405 -0.03 -23.50 -5.86
CA HIS A 405 0.31 -22.08 -5.85
C HIS A 405 0.51 -21.55 -4.44
N TRP A 406 -0.14 -22.19 -3.47
CA TRP A 406 0.10 -21.89 -2.06
C TRP A 406 1.53 -22.21 -1.69
N ALA A 407 1.96 -23.43 -1.97
CA ALA A 407 3.33 -23.79 -1.65
C ALA A 407 4.37 -22.95 -2.39
N GLN A 408 4.09 -22.59 -3.64
CA GLN A 408 5.00 -21.72 -4.39
C GLN A 408 5.05 -20.33 -3.76
N TYR A 409 3.91 -19.89 -3.21
CA TYR A 409 3.84 -18.62 -2.50
C TYR A 409 4.75 -18.65 -1.30
N ILE A 410 4.58 -19.66 -0.45
CA ILE A 410 5.41 -19.69 0.76
C ILE A 410 6.90 -19.86 0.45
N LYS A 411 7.22 -20.80 -0.44
CA LYS A 411 8.62 -20.96 -0.86
C LYS A 411 9.16 -19.61 -1.36
N THR A 412 8.37 -18.83 -2.08
CA THR A 412 8.88 -17.53 -2.60
C THR A 412 8.99 -16.42 -1.54
N ILE A 413 8.00 -16.30 -0.66
CA ILE A 413 8.03 -15.27 0.40
C ILE A 413 9.10 -15.58 1.45
N PHE A 414 9.67 -16.79 1.43
CA PHE A 414 10.78 -17.05 2.35
C PHE A 414 12.19 -16.88 1.75
N ASN A 415 12.47 -17.57 0.65
CA ASN A 415 13.76 -17.41 -0.06
C ASN A 415 13.77 -16.27 -1.06
N LEU B 37 -1.96 29.41 -33.94
CA LEU B 37 -2.87 28.70 -33.05
C LEU B 37 -2.69 29.14 -31.58
N VAL B 38 -1.43 29.30 -31.16
CA VAL B 38 -1.11 29.78 -29.82
C VAL B 38 -1.64 31.20 -29.58
N ALA B 39 -1.62 31.64 -28.32
CA ALA B 39 -2.20 32.92 -27.95
C ALA B 39 -1.44 33.63 -26.82
N LEU B 40 -0.43 34.38 -27.23
CA LEU B 40 0.49 35.07 -26.33
C LEU B 40 -0.08 36.41 -25.84
N PRO B 41 0.40 36.88 -24.67
CA PRO B 41 -0.05 38.17 -24.15
C PRO B 41 0.61 39.34 -24.87
N ASP B 42 0.02 40.53 -24.75
CA ASP B 42 0.64 41.74 -25.26
C ASP B 42 1.93 42.07 -24.49
N ASN B 43 1.96 41.69 -23.22
CA ASN B 43 3.12 41.88 -22.33
C ASN B 43 4.38 41.11 -22.78
N LEU B 44 4.21 40.17 -23.71
CA LEU B 44 5.25 39.18 -24.03
C LEU B 44 6.69 39.66 -24.09
N SER B 45 6.95 40.63 -24.95
CA SER B 45 8.23 41.34 -25.01
C SER B 45 8.91 41.44 -23.62
N GLU B 46 8.15 41.89 -22.63
CA GLU B 46 8.74 42.33 -21.38
C GLU B 46 9.09 41.11 -20.54
N LEU B 47 8.21 40.13 -20.55
CA LEU B 47 8.49 38.82 -20.00
C LEU B 47 9.82 38.28 -20.54
N GLN B 48 9.92 38.28 -21.87
CA GLN B 48 11.12 37.78 -22.54
C GLN B 48 12.37 38.52 -22.07
N LYS B 49 12.28 39.84 -22.07
CA LYS B 49 13.33 40.69 -21.55
C LYS B 49 13.77 40.33 -20.13
N ILE B 50 12.82 40.13 -19.20
CA ILE B 50 13.18 39.83 -17.82
C ILE B 50 13.94 38.50 -17.77
N VAL B 51 13.35 37.47 -18.36
CA VAL B 51 14.00 36.17 -18.35
C VAL B 51 15.44 36.26 -18.87
N SER B 53 17.38 38.86 -19.14
CA SER B 53 18.23 39.74 -18.34
C SER B 53 18.82 38.96 -17.21
N ARG B 54 17.93 38.29 -16.48
CA ARG B 54 18.34 37.55 -15.32
C ARG B 54 19.28 36.43 -15.77
N TYR B 55 19.04 35.88 -16.96
CA TYR B 55 19.93 34.83 -17.47
C TYR B 55 21.32 35.39 -17.70
N ASN B 56 21.37 36.59 -18.24
CA ASN B 56 22.65 37.22 -18.53
C ASN B 56 23.39 37.64 -17.26
N LEU B 57 22.67 37.70 -16.15
CA LEU B 57 23.33 37.98 -14.86
C LEU B 57 24.39 36.92 -14.55
N GLY B 58 24.06 35.66 -14.81
CA GLY B 58 24.94 34.57 -14.46
C GLY B 58 24.87 34.30 -12.97
N ILE B 59 25.95 33.77 -12.42
CA ILE B 59 26.02 33.48 -10.99
C ILE B 59 26.74 34.60 -10.24
N LEU B 60 26.05 35.20 -9.27
CA LEU B 60 26.60 36.32 -8.52
C LEU B 60 27.32 35.91 -7.23
N GLU B 61 27.88 36.89 -6.52
CA GLU B 61 28.72 36.64 -5.35
C GLU B 61 27.99 35.96 -4.18
N ASP B 62 26.99 36.66 -3.65
CA ASP B 62 26.19 36.12 -2.55
C ASP B 62 24.99 35.35 -3.10
N SER B 63 25.13 34.86 -4.33
CA SER B 63 24.02 34.29 -5.07
C SER B 63 23.75 32.83 -4.71
N LEU B 64 24.80 32.10 -4.36
CA LEU B 64 24.64 30.68 -4.09
C LEU B 64 24.31 30.37 -2.63
N SER B 65 23.84 31.36 -1.89
CA SER B 65 23.62 31.20 -0.46
C SER B 65 22.26 30.59 -0.14
N HIS B 66 22.13 30.08 1.08
CA HIS B 66 20.95 29.30 1.46
C HIS B 66 19.73 30.16 1.76
N ARG B 67 18.58 29.65 1.35
CA ARG B 67 17.29 30.17 1.74
C ARG B 67 16.42 29.01 2.18
N PRO B 68 16.02 29.01 3.45
CA PRO B 68 15.19 27.95 4.02
C PRO B 68 13.84 27.81 3.33
N LEU B 69 13.37 26.58 3.13
CA LEU B 69 12.07 26.32 2.53
C LEU B 69 10.94 26.73 3.47
N GLY B 70 11.14 26.56 4.77
CA GLY B 70 10.12 26.88 5.75
C GLY B 70 8.84 26.07 5.62
N ASN B 71 7.70 26.71 5.87
CA ASN B 71 6.43 26.05 5.57
C ASN B 71 6.30 25.92 4.06
N THR B 72 6.04 24.70 3.61
CA THR B 72 6.08 24.39 2.20
C THR B 72 4.78 23.77 1.75
N LEU B 73 4.14 24.38 0.77
CA LEU B 73 2.91 23.84 0.21
C LEU B 73 3.24 23.15 -1.11
N LEU B 74 2.65 21.98 -1.31
CA LEU B 74 3.03 21.11 -2.41
C LEU B 74 1.80 20.57 -3.09
N THR B 75 1.65 20.90 -4.37
CA THR B 75 0.64 20.28 -5.20
C THR B 75 1.26 19.07 -5.88
N GLY B 76 0.44 18.14 -6.34
CA GLY B 76 0.96 16.96 -6.98
C GLY B 76 1.45 15.82 -6.07
N ALA B 77 1.20 15.93 -4.77
CA ALA B 77 1.74 14.92 -3.87
C ALA B 77 1.18 13.52 -4.12
N THR B 78 0.01 13.42 -4.77
CA THR B 78 -0.50 12.08 -5.04
C THR B 78 0.06 11.55 -6.34
N GLY B 79 1.04 12.26 -6.90
CA GLY B 79 1.73 11.81 -8.09
C GLY B 79 3.16 11.32 -7.89
N PHE B 80 3.74 10.83 -8.99
CA PHE B 80 5.09 10.25 -9.07
C PHE B 80 6.16 11.24 -8.61
N LEU B 81 6.32 12.31 -9.37
CA LEU B 81 7.28 13.32 -8.97
C LEU B 81 6.89 13.90 -7.61
N GLY B 82 5.60 13.96 -7.32
CA GLY B 82 5.16 14.39 -6.01
C GLY B 82 5.70 13.52 -4.88
N ALA B 83 5.52 12.21 -5.00
CA ALA B 83 6.06 11.29 -4.00
C ALA B 83 7.54 11.52 -3.80
N TYR B 84 8.27 11.64 -4.90
CA TYR B 84 9.71 11.77 -4.74
C TYR B 84 10.13 13.13 -4.19
N LEU B 85 9.34 14.16 -4.47
CA LEU B 85 9.57 15.47 -3.89
C LEU B 85 9.35 15.42 -2.39
N ILE B 86 8.32 14.70 -1.94
CA ILE B 86 8.12 14.51 -0.51
C ILE B 86 9.34 13.84 0.12
N GLU B 87 9.92 12.86 -0.57
CA GLU B 87 11.17 12.33 0.00
C GLU B 87 12.29 13.38 0.04
N ALA B 88 12.53 14.01 -1.10
CA ALA B 88 13.61 14.98 -1.22
C ALA B 88 13.49 16.15 -0.23
N LEU B 89 12.25 16.51 0.15
CA LEU B 89 12.03 17.62 1.09
C LEU B 89 12.28 17.26 2.56
N GLN B 90 12.23 15.96 2.86
CA GLN B 90 12.52 15.50 4.22
C GLN B 90 13.88 15.98 4.59
N GLY B 91 13.92 16.76 5.67
CA GLY B 91 15.16 17.28 6.18
C GLY B 91 15.32 18.75 5.88
N TYR B 92 14.44 19.29 5.03
CA TYR B 92 14.58 20.67 4.55
C TYR B 92 13.35 21.57 4.69
N SER B 93 12.15 20.99 4.66
CA SER B 93 10.96 21.79 4.88
C SER B 93 10.58 21.70 6.35
N HIS B 94 10.22 22.82 6.96
CA HIS B 94 9.76 22.79 8.32
C HIS B 94 8.52 21.87 8.42
N ARG B 95 7.53 22.14 7.60
CA ARG B 95 6.38 21.27 7.52
C ARG B 95 5.96 21.27 6.06
N ILE B 96 5.35 20.19 5.60
CA ILE B 96 4.92 20.12 4.21
C ILE B 96 3.40 20.09 4.13
N TYR B 97 2.81 21.11 3.54
CA TYR B 97 1.37 21.14 3.42
C TYR B 97 0.99 20.61 2.04
N CYS B 98 0.21 19.54 2.00
CA CYS B 98 -0.09 18.86 0.76
C CYS B 98 -1.50 19.16 0.26
N PHE B 99 -1.59 19.97 -0.78
CA PHE B 99 -2.89 20.27 -1.34
C PHE B 99 -3.41 19.17 -2.25
N ILE B 100 -4.50 18.53 -1.85
CA ILE B 100 -5.03 17.38 -2.58
C ILE B 100 -6.52 17.53 -2.82
N ARG B 101 -6.94 17.43 -4.09
CA ARG B 101 -8.36 17.51 -4.43
C ARG B 101 -9.03 16.19 -4.10
N ALA B 102 -9.93 16.24 -3.12
CA ALA B 102 -10.67 15.07 -2.67
C ALA B 102 -11.96 15.50 -2.00
N ASP B 103 -12.94 14.61 -1.99
CA ASP B 103 -14.17 14.84 -1.22
C ASP B 103 -13.97 15.15 0.29
N ASN B 104 -12.97 14.57 0.94
CA ASN B 104 -12.69 14.88 2.36
C ASN B 104 -11.27 14.58 2.81
N GLU B 105 -10.94 14.91 4.05
CA GLU B 105 -9.58 14.74 4.58
C GLU B 105 -9.17 13.26 4.66
N GLU B 106 -10.11 12.40 5.07
CA GLU B 106 -9.88 10.95 5.11
C GLU B 106 -9.45 10.40 3.73
N ILE B 107 -10.22 10.68 2.68
CA ILE B 107 -9.86 10.25 1.33
C ILE B 107 -8.56 10.89 0.81
N ALA B 108 -8.31 12.14 1.14
CA ALA B 108 -7.04 12.75 0.74
C ALA B 108 -5.86 12.05 1.40
N TRP B 109 -5.99 11.74 2.70
CA TRP B 109 -4.97 10.95 3.39
C TRP B 109 -4.77 9.64 2.67
N TYR B 110 -5.88 9.00 2.31
CA TYR B 110 -5.79 7.69 1.68
C TYR B 110 -5.02 7.75 0.37
N LYS B 111 -5.35 8.75 -0.45
CA LYS B 111 -4.65 8.96 -1.72
C LYS B 111 -3.15 9.15 -1.51
N LEU B 112 -2.81 9.99 -0.53
CA LEU B 112 -1.40 10.32 -0.28
C LEU B 112 -0.62 9.14 0.34
N THR B 114 -1.50 5.93 0.19
CA THR B 114 -1.43 4.95 -0.87
C THR B 114 -0.25 5.25 -1.80
N ASN B 115 -0.18 6.50 -2.25
CA ASN B 115 0.93 6.90 -3.13
C ASN B 115 2.27 6.63 -2.48
N LEU B 116 2.53 7.25 -1.32
CA LEU B 116 3.82 7.10 -0.67
C LEU B 116 4.19 5.63 -0.43
N ASN B 117 3.24 4.86 0.10
CA ASN B 117 3.44 3.46 0.34
C ASN B 117 3.88 2.68 -0.89
N ASP B 118 3.44 3.11 -2.08
CA ASP B 118 3.86 2.39 -3.30
C ASP B 118 5.36 2.54 -3.65
N TYR B 119 6.00 3.60 -3.15
CA TYR B 119 7.39 3.88 -3.48
C TYR B 119 8.36 3.65 -2.30
N PHE B 120 7.87 3.79 -1.08
CA PHE B 120 8.73 3.84 0.09
C PHE B 120 8.34 2.82 1.14
N SER B 121 9.29 2.46 1.98
CA SER B 121 8.99 1.51 3.05
C SER B 121 8.00 2.11 4.05
N GLU B 122 7.23 1.23 4.69
CA GLU B 122 6.31 1.63 5.74
C GLU B 122 6.96 2.47 6.81
N GLU B 123 8.11 2.03 7.29
CA GLU B 123 8.89 2.83 8.23
C GLU B 123 9.18 4.24 7.67
N THR B 124 9.60 4.30 6.41
CA THR B 124 9.86 5.59 5.81
C THR B 124 8.61 6.49 5.77
N VAL B 125 7.48 5.90 5.39
CA VAL B 125 6.30 6.70 5.13
C VAL B 125 5.80 7.21 6.46
N GLU B 126 5.84 6.32 7.46
CA GLU B 126 5.31 6.64 8.76
C GLU B 126 6.10 7.79 9.32
N LEU B 129 5.06 11.09 7.75
CA LEU B 129 3.75 11.61 8.11
C LEU B 129 3.85 12.62 9.28
N SER B 130 4.92 12.47 10.04
CA SER B 130 5.22 13.34 11.16
C SER B 130 5.23 14.83 10.76
N ASN B 131 5.69 15.15 9.55
CA ASN B 131 5.61 16.54 9.10
C ASN B 131 4.84 16.83 7.82
N ILE B 132 3.84 16.01 7.52
CA ILE B 132 2.89 16.37 6.49
C ILE B 132 1.54 16.76 7.09
N GLU B 133 0.97 17.82 6.55
CA GLU B 133 -0.42 18.18 6.76
C GLU B 133 -1.13 18.20 5.40
N VAL B 134 -2.31 17.59 5.35
CA VAL B 134 -3.13 17.60 4.16
C VAL B 134 -4.14 18.76 4.15
N ILE B 135 -4.25 19.45 3.01
CA ILE B 135 -5.19 20.52 2.79
C ILE B 135 -6.13 20.06 1.69
N VAL B 136 -7.44 20.00 1.98
CA VAL B 136 -8.41 19.46 1.04
C VAL B 136 -9.00 20.55 0.16
N GLY B 137 -9.20 20.25 -1.11
CA GLY B 137 -9.74 21.22 -2.04
C GLY B 137 -10.80 20.64 -2.94
N ASP B 138 -11.84 21.41 -3.23
CA ASP B 138 -12.93 20.92 -4.06
C ASP B 138 -12.50 20.80 -5.53
N PHE B 139 -12.28 21.94 -6.19
CA PHE B 139 -11.98 21.94 -7.62
C PHE B 139 -11.46 23.30 -8.06
N ASP B 143 -10.98 28.31 -5.16
CA ASP B 143 -10.83 29.64 -4.57
C ASP B 143 -10.86 29.71 -3.01
N ASP B 144 -11.83 29.05 -2.39
CA ASP B 144 -12.06 29.20 -0.96
C ASP B 144 -11.32 28.20 -0.03
N VAL B 145 -9.99 28.14 -0.19
CA VAL B 145 -9.08 27.39 0.67
C VAL B 145 -8.41 28.35 1.64
N VAL B 146 -8.38 28.05 2.93
CA VAL B 146 -7.70 28.95 3.85
C VAL B 146 -6.70 28.21 4.74
N LEU B 147 -5.42 28.50 4.53
CA LEU B 147 -4.31 27.74 5.13
C LEU B 147 -4.12 27.95 6.62
N PRO B 148 -3.61 26.94 7.32
CA PRO B 148 -3.41 26.93 8.77
C PRO B 148 -2.39 27.94 9.24
N GLU B 149 -1.37 28.14 8.43
CA GLU B 149 -0.28 29.01 8.79
C GLU B 149 0.23 29.68 7.52
N ASN B 150 1.18 30.59 7.65
CA ASN B 150 1.74 31.22 6.46
C ASN B 150 2.79 30.39 5.69
N ASP B 152 5.97 29.62 3.24
CA ASP B 152 7.24 30.22 2.82
C ASP B 152 7.64 29.85 1.39
N THR B 153 7.15 28.71 0.92
CA THR B 153 7.53 28.19 -0.37
C THR B 153 6.36 27.37 -0.89
N ILE B 154 5.94 27.61 -2.12
CA ILE B 154 4.92 26.78 -2.74
C ILE B 154 5.54 26.08 -3.95
N ILE B 155 5.51 24.75 -3.93
CA ILE B 155 6.02 23.94 -5.03
C ILE B 155 4.86 23.37 -5.81
N HIS B 156 4.61 23.94 -6.99
CA HIS B 156 3.49 23.53 -7.82
C HIS B 156 3.87 22.46 -8.83
N ALA B 157 3.70 21.19 -8.43
CA ALA B 157 4.07 20.05 -9.27
C ALA B 157 2.86 19.28 -9.75
N GLY B 158 1.67 19.62 -9.26
CA GLY B 158 0.46 18.92 -9.67
C GLY B 158 -0.08 19.40 -10.99
N ALA B 159 -1.03 18.64 -11.53
CA ALA B 159 -1.70 18.95 -12.80
C ALA B 159 -3.06 18.25 -12.78
N ARG B 160 -3.71 18.14 -13.92
CA ARG B 160 -5.02 17.47 -13.96
C ARG B 160 -5.09 16.32 -14.97
N THR B 161 -5.53 15.17 -14.49
CA THR B 161 -5.63 13.96 -15.30
C THR B 161 -6.90 13.94 -16.14
N ASP B 167 -11.28 18.46 -24.96
CA ASP B 167 -9.86 18.73 -25.09
C ASP B 167 -9.47 20.16 -24.64
N ASP B 168 -10.34 21.13 -24.93
CA ASP B 168 -10.06 22.54 -24.68
C ASP B 168 -10.16 22.95 -23.20
N GLU B 169 -11.08 22.32 -22.47
CA GLU B 169 -11.26 22.60 -21.05
C GLU B 169 -10.05 22.14 -20.23
N PHE B 170 -9.18 21.34 -20.84
CA PHE B 170 -7.96 20.85 -20.18
C PHE B 170 -7.00 21.99 -19.83
N GLU B 171 -6.49 22.63 -20.88
CA GLU B 171 -5.60 23.77 -20.76
C GLU B 171 -6.18 24.86 -19.84
N LYS B 172 -7.48 25.13 -20.00
CA LYS B 172 -8.17 26.05 -19.11
C LYS B 172 -8.10 25.60 -17.62
N VAL B 173 -8.55 24.39 -17.30
CA VAL B 173 -8.50 23.94 -15.91
C VAL B 173 -7.09 24.01 -15.29
N ASN B 174 -6.10 23.52 -16.05
CA ASN B 174 -4.71 23.57 -15.60
C ASN B 174 -4.10 24.98 -15.41
N VAL B 175 -4.11 25.79 -16.48
CA VAL B 175 -3.72 27.19 -16.38
C VAL B 175 -4.45 27.93 -15.23
N GLN B 176 -5.73 27.62 -15.05
CA GLN B 176 -6.48 28.11 -13.89
C GLN B 176 -5.83 27.71 -12.59
N GLY B 177 -5.49 26.43 -12.46
CA GLY B 177 -4.78 25.95 -11.28
C GLY B 177 -3.51 26.73 -11.05
N THR B 178 -2.81 27.05 -12.13
CA THR B 178 -1.57 27.80 -11.98
C THR B 178 -1.79 29.25 -11.53
N VAL B 179 -2.80 29.91 -12.09
CA VAL B 179 -3.19 31.24 -11.61
C VAL B 179 -3.60 31.21 -10.15
N ASP B 180 -4.30 30.14 -9.76
CA ASP B 180 -4.77 30.00 -8.39
C ASP B 180 -3.57 29.95 -7.46
N VAL B 181 -2.65 29.03 -7.75
CA VAL B 181 -1.45 28.88 -6.97
C VAL B 181 -0.67 30.20 -6.90
N ILE B 182 -0.58 30.91 -8.01
CA ILE B 182 0.14 32.19 -8.06
C ILE B 182 -0.52 33.22 -7.13
N ARG B 183 -1.84 33.18 -7.09
CA ARG B 183 -2.57 34.08 -6.21
C ARG B 183 -2.18 33.72 -4.78
N LEU B 184 -2.20 32.42 -4.50
CA LEU B 184 -1.87 31.92 -3.17
C LEU B 184 -0.47 32.41 -2.73
N ALA B 185 0.50 32.21 -3.60
CA ALA B 185 1.85 32.74 -3.39
C ALA B 185 1.87 34.26 -3.15
N GLN B 186 1.06 35.00 -3.90
CA GLN B 186 1.07 36.45 -3.72
C GLN B 186 0.53 36.79 -2.33
N GLN B 187 -0.49 36.05 -1.92
CA GLN B 187 -1.12 36.31 -0.63
C GLN B 187 -0.20 35.92 0.56
N HIS B 188 0.58 34.86 0.42
CA HIS B 188 1.52 34.45 1.48
C HIS B 188 2.94 34.96 1.31
N HIS B 189 3.17 35.79 0.29
CA HIS B 189 4.49 36.33 -0.05
C HIS B 189 5.52 35.22 -0.10
N ALA B 190 5.12 34.11 -0.68
CA ALA B 190 5.91 32.91 -0.71
C ALA B 190 6.73 32.88 -1.97
N ARG B 191 7.81 32.12 -1.93
CA ARG B 191 8.53 31.76 -3.13
C ARG B 191 7.83 30.61 -3.85
N LEU B 192 7.56 30.82 -5.14
CA LEU B 192 6.89 29.82 -5.95
C LEU B 192 7.87 29.10 -6.89
N ILE B 193 7.77 27.79 -6.96
CA ILE B 193 8.56 27.00 -7.89
C ILE B 193 7.57 26.26 -8.77
N TYR B 194 7.51 26.60 -10.05
CA TYR B 194 6.55 25.96 -10.94
C TYR B 194 7.27 24.89 -11.69
N VAL B 195 6.74 23.67 -11.67
CA VAL B 195 7.37 22.58 -12.41
C VAL B 195 6.83 22.56 -13.85
N SER B 196 7.74 22.65 -14.81
CA SER B 196 7.35 22.70 -16.22
C SER B 196 8.18 21.77 -17.10
N THR B 197 7.55 21.27 -18.16
CA THR B 197 8.21 20.39 -19.11
C THR B 197 9.22 21.10 -20.01
N ILE B 198 10.27 20.37 -20.39
CA ILE B 198 11.24 20.83 -21.36
C ILE B 198 10.63 20.71 -22.75
N SER B 199 9.52 19.97 -22.85
CA SER B 199 8.85 19.77 -24.13
C SER B 199 8.11 21.04 -24.56
N VAL B 200 8.22 22.07 -23.72
CA VAL B 200 7.60 23.35 -23.97
C VAL B 200 8.41 24.12 -25.01
N GLY B 201 9.58 23.59 -25.34
CA GLY B 201 10.39 24.13 -26.42
C GLY B 201 11.36 23.11 -27.02
N THR B 202 10.84 21.97 -27.44
CA THR B 202 11.69 20.93 -28.01
C THR B 202 11.41 20.71 -29.48
N TYR B 203 10.18 21.00 -29.92
CA TYR B 203 9.82 20.79 -31.31
C TYR B 203 9.62 22.12 -32.10
N PHE B 204 10.32 22.25 -33.22
CA PHE B 204 10.20 23.40 -34.12
C PHE B 204 9.68 22.96 -35.47
N ASP B 205 9.47 23.93 -36.36
CA ASP B 205 9.02 23.64 -37.70
C ASP B 205 10.24 23.25 -38.54
N ILE B 206 10.02 22.45 -39.59
CA ILE B 206 11.14 21.90 -40.35
C ILE B 206 12.13 22.91 -40.92
N ASP B 207 11.65 24.09 -41.30
CA ASP B 207 12.54 25.10 -41.87
C ASP B 207 12.75 26.24 -40.90
N THR B 208 13.71 26.10 -40.00
CA THR B 208 14.01 27.12 -38.99
C THR B 208 15.50 27.18 -38.71
N GLU B 209 16.03 28.41 -38.70
CA GLU B 209 17.47 28.62 -38.52
C GLU B 209 17.87 28.50 -37.06
N ASP B 210 17.46 29.47 -36.25
CA ASP B 210 17.77 29.46 -34.83
C ASP B 210 16.85 28.46 -34.17
N VAL B 211 17.42 27.37 -33.68
CA VAL B 211 16.60 26.28 -33.17
C VAL B 211 17.12 25.79 -31.81
N THR B 212 17.92 26.65 -31.19
CA THR B 212 18.44 26.44 -29.85
C THR B 212 17.41 26.85 -28.82
N PHE B 213 17.37 26.13 -27.70
CA PHE B 213 16.43 26.45 -26.61
C PHE B 213 17.12 26.27 -25.25
N SER B 214 17.14 27.33 -24.47
CA SER B 214 17.85 27.35 -23.21
C SER B 214 17.00 28.00 -22.13
N GLU B 215 17.54 28.06 -20.91
CA GLU B 215 16.81 28.66 -19.80
C GLU B 215 16.66 30.18 -19.96
N ALA B 216 17.24 30.72 -21.05
CA ALA B 216 17.07 32.12 -21.44
C ALA B 216 15.81 32.35 -22.29
N ASP B 217 15.36 31.30 -22.98
CA ASP B 217 14.21 31.39 -23.88
C ASP B 217 12.86 31.11 -23.24
N VAL B 218 11.85 31.86 -23.68
CA VAL B 218 10.46 31.59 -23.34
C VAL B 218 9.66 31.20 -24.58
N TYR B 219 9.58 32.11 -25.55
CA TYR B 219 8.95 31.81 -26.83
C TYR B 219 9.82 32.20 -28.02
N LYS B 220 10.06 31.25 -28.92
CA LYS B 220 10.82 31.51 -30.14
C LYS B 220 10.10 31.08 -31.42
N GLY B 221 8.78 30.90 -31.34
CA GLY B 221 8.11 30.17 -32.36
C GLY B 221 8.09 28.63 -32.40
N GLN B 222 8.47 27.99 -31.30
CA GLN B 222 8.37 26.54 -31.16
C GLN B 222 6.94 26.05 -31.38
N LEU B 223 6.75 24.76 -31.62
CA LEU B 223 5.42 24.28 -32.04
C LEU B 223 4.31 24.22 -30.98
N LEU B 224 4.59 23.67 -29.79
CA LEU B 224 3.53 23.51 -28.78
C LEU B 224 2.30 22.74 -29.27
N THR B 225 2.46 21.45 -29.54
CA THR B 225 1.35 20.65 -30.07
C THR B 225 0.42 20.05 -29.01
N SER B 226 0.95 19.18 -28.15
CA SER B 226 0.16 18.52 -27.10
C SER B 226 -0.53 19.51 -26.16
N PRO B 227 -1.80 19.22 -25.80
CA PRO B 227 -2.55 20.10 -24.88
C PRO B 227 -1.85 20.15 -23.54
N TYR B 228 -1.23 19.05 -23.14
CA TYR B 228 -0.38 19.03 -21.97
C TYR B 228 0.68 20.12 -22.09
N THR B 229 1.37 20.12 -23.22
CA THR B 229 2.42 21.08 -23.50
C THR B 229 1.94 22.54 -23.50
N ARG B 230 0.88 22.84 -24.25
CA ARG B 230 0.36 24.20 -24.30
C ARG B 230 -0.03 24.62 -22.89
N SER B 231 -0.61 23.69 -22.14
CA SER B 231 -0.98 23.91 -20.76
C SER B 231 0.22 24.39 -19.95
N LYS B 232 1.31 23.64 -20.03
CA LYS B 232 2.52 24.02 -19.30
C LYS B 232 3.07 25.38 -19.77
N PHE B 233 2.97 25.64 -21.07
CA PHE B 233 3.53 26.87 -21.64
C PHE B 233 2.75 28.11 -21.18
N TYR B 234 1.43 28.03 -21.23
CA TYR B 234 0.58 29.11 -20.76
C TYR B 234 0.77 29.33 -19.27
N SER B 235 0.90 28.25 -18.51
CA SER B 235 1.20 28.40 -17.09
C SER B 235 2.51 29.14 -16.87
N GLU B 236 3.52 28.72 -17.62
CA GLU B 236 4.83 29.34 -17.59
C GLU B 236 4.69 30.86 -17.78
N LEU B 237 3.90 31.26 -18.78
CA LEU B 237 3.61 32.69 -19.00
C LEU B 237 2.91 33.43 -17.83
N LYS B 238 1.87 32.81 -17.26
CA LYS B 238 1.24 33.37 -16.04
C LYS B 238 2.26 33.62 -14.93
N VAL B 239 3.07 32.59 -14.63
CA VAL B 239 4.14 32.67 -13.63
C VAL B 239 5.09 33.82 -13.92
N LEU B 240 5.49 33.96 -15.19
CA LEU B 240 6.30 35.10 -15.63
C LEU B 240 5.65 36.47 -15.35
N GLU B 241 4.41 36.67 -15.78
CA GLU B 241 3.75 37.95 -15.49
C GLU B 241 3.81 38.22 -14.00
N ALA B 242 3.55 37.20 -13.20
CA ALA B 242 3.67 37.36 -11.75
C ALA B 242 5.08 37.80 -11.29
N VAL B 243 6.13 37.14 -11.79
CA VAL B 243 7.49 37.58 -11.45
C VAL B 243 7.73 39.04 -11.80
N ASN B 244 7.34 39.40 -13.02
CA ASN B 244 7.42 40.75 -13.51
C ASN B 244 6.82 41.77 -12.55
N ASN B 245 5.66 41.43 -12.00
CA ASN B 245 5.02 42.22 -10.95
C ASN B 245 5.53 41.94 -9.53
N GLY B 246 6.70 41.30 -9.40
CA GLY B 246 7.44 41.32 -8.14
C GLY B 246 7.34 40.08 -7.27
N LEU B 247 6.79 39.01 -7.82
CA LEU B 247 6.83 37.71 -7.17
C LEU B 247 8.14 37.00 -7.43
N ASP B 248 8.54 36.15 -6.49
CA ASP B 248 9.70 35.29 -6.66
C ASP B 248 9.20 33.85 -6.56
N GLY B 249 8.99 33.14 -7.66
CA GLY B 249 9.25 33.55 -9.01
C GLY B 249 10.20 32.61 -9.78
N ARG B 250 10.00 31.29 -9.73
CA ARG B 250 10.97 30.36 -10.38
C ARG B 250 10.35 29.21 -11.19
N ILE B 251 10.82 28.99 -12.40
CA ILE B 251 10.30 27.91 -13.25
C ILE B 251 11.36 26.85 -13.41
N VAL B 252 11.01 25.58 -13.18
CA VAL B 252 11.96 24.50 -13.42
C VAL B 252 11.44 23.50 -14.45
N ARG B 253 12.13 23.42 -15.58
CA ARG B 253 11.68 22.51 -16.63
C ARG B 253 12.30 21.12 -16.48
N VAL B 254 11.46 20.10 -16.42
CA VAL B 254 11.94 18.74 -16.22
C VAL B 254 11.80 17.91 -17.49
N GLY B 255 12.59 16.85 -17.57
CA GLY B 255 12.67 16.03 -18.77
C GLY B 255 11.84 14.76 -18.72
N ASN B 256 12.40 13.70 -19.28
CA ASN B 256 11.70 12.41 -19.30
C ASN B 256 11.89 11.71 -17.96
N LEU B 257 10.84 11.73 -17.14
CA LEU B 257 10.94 11.17 -15.79
C LEU B 257 10.85 9.66 -15.82
N THR B 258 11.89 8.99 -15.31
CA THR B 258 11.90 7.53 -15.27
C THR B 258 12.01 6.97 -13.85
N SER B 259 12.18 5.65 -13.78
CA SER B 259 12.33 5.01 -12.47
C SER B 259 13.52 5.64 -11.81
N PRO B 260 13.50 5.73 -10.47
CA PRO B 260 14.62 6.36 -9.74
C PRO B 260 15.96 5.73 -10.12
N TYR B 261 17.06 6.46 -9.96
CA TYR B 261 18.36 5.85 -10.14
C TYR B 261 18.55 4.86 -8.99
N ASN B 262 18.15 5.26 -7.79
CA ASN B 262 18.17 4.33 -6.67
C ASN B 262 16.85 4.22 -5.90
N GLY B 263 15.96 3.33 -6.35
CA GLY B 263 14.75 3.00 -5.63
C GLY B 263 14.02 1.87 -6.32
N ARG B 264 12.71 1.79 -6.09
CA ARG B 264 11.88 0.83 -6.77
C ARG B 264 11.61 1.21 -8.22
N TRP B 265 11.61 0.19 -9.08
CA TRP B 265 11.31 0.39 -10.48
C TRP B 265 9.93 0.97 -10.59
N HIS B 266 9.02 0.42 -9.79
CA HIS B 266 7.60 0.71 -9.86
C HIS B 266 7.28 2.16 -10.08
N ARG B 268 3.65 4.16 -10.70
CA ARG B 268 2.19 4.10 -10.83
C ARG B 268 1.67 4.59 -12.21
N ASN B 269 0.71 3.85 -12.75
CA ASN B 269 0.07 4.22 -14.03
C ASN B 269 1.07 4.21 -15.20
N ILE B 270 2.09 3.38 -15.08
CA ILE B 270 3.14 3.30 -16.09
C ILE B 270 2.61 2.78 -17.43
N LYS B 271 1.51 2.04 -17.39
CA LYS B 271 0.96 1.47 -18.62
C LYS B 271 0.22 2.52 -19.47
N THR B 272 0.22 3.76 -19.01
CA THR B 272 -0.29 4.89 -19.80
C THR B 272 0.78 5.97 -19.98
N ASN B 273 2.04 5.57 -19.85
CA ASN B 273 3.16 6.49 -19.91
C ASN B 273 3.88 6.40 -21.25
N ARG B 274 3.68 7.39 -22.12
CA ARG B 274 4.07 7.30 -23.53
C ARG B 274 5.47 6.69 -23.78
N PHE B 275 6.48 7.22 -23.11
CA PHE B 275 7.84 6.73 -23.25
C PHE B 275 7.91 5.21 -23.00
N SER B 276 7.40 4.77 -21.87
CA SER B 276 7.35 3.34 -21.54
C SER B 276 6.62 2.49 -22.60
N VAL B 278 6.15 3.15 -25.89
CA VAL B 278 6.96 3.15 -27.10
C VAL B 278 8.19 2.25 -26.93
N ASN B 280 8.49 -0.23 -24.76
CA ASN B 280 7.97 -1.59 -24.67
C ASN B 280 7.84 -2.19 -26.06
N ASP B 281 7.34 -1.38 -26.99
CA ASP B 281 7.18 -1.84 -28.36
C ASP B 281 8.50 -1.98 -29.13
N LEU B 282 9.40 -1.03 -28.97
CA LEU B 282 10.66 -1.07 -29.72
C LEU B 282 11.54 -2.22 -29.25
N LEU B 283 11.41 -2.58 -27.97
CA LEU B 283 12.23 -3.65 -27.40
C LEU B 283 11.82 -5.03 -27.91
N GLN B 284 10.69 -5.13 -28.60
CA GLN B 284 10.23 -6.42 -29.06
C GLN B 284 10.60 -6.64 -30.51
N LEU B 285 11.33 -5.69 -31.10
CA LEU B 285 11.68 -5.80 -32.52
C LEU B 285 13.19 -6.00 -32.73
N ASP B 286 13.58 -6.50 -33.89
CA ASP B 286 14.99 -6.70 -34.17
C ASP B 286 15.46 -5.81 -35.30
N CYS B 287 14.72 -4.73 -35.48
CA CYS B 287 15.00 -3.73 -36.50
C CYS B 287 14.68 -2.34 -35.91
N ILE B 288 15.25 -1.30 -36.51
CA ILE B 288 14.90 0.07 -36.15
C ILE B 288 14.75 0.91 -37.41
N GLY B 289 13.76 1.77 -37.44
CA GLY B 289 13.63 2.73 -38.53
C GLY B 289 14.83 3.66 -38.57
N VAL B 290 15.22 4.10 -39.76
CA VAL B 290 16.34 5.04 -39.91
C VAL B 290 16.11 6.32 -39.11
N SER B 291 14.89 6.84 -39.18
CA SER B 291 14.56 8.07 -38.46
C SER B 291 14.54 7.81 -36.98
N ALA B 293 15.78 5.59 -34.95
CA ALA B 293 17.10 5.32 -34.38
C ALA B 293 17.80 6.60 -33.95
N GLU B 294 17.66 7.64 -34.76
CA GLU B 294 18.30 8.92 -34.48
C GLU B 294 17.72 9.64 -33.25
N PRO B 296 16.63 10.94 -29.65
CA PRO B 296 17.35 10.80 -28.38
C PRO B 296 16.41 10.53 -27.18
N VAL B 297 16.94 9.89 -26.16
CA VAL B 297 16.16 9.58 -24.98
C VAL B 297 16.96 10.00 -23.76
N ASP B 298 16.26 10.42 -22.70
CA ASP B 298 16.91 10.76 -21.44
C ASP B 298 16.18 10.01 -20.33
N PHE B 299 16.94 9.32 -19.50
CA PHE B 299 16.41 8.77 -18.28
C PHE B 299 16.67 9.84 -17.23
N SER B 300 15.74 10.79 -17.16
CA SER B 300 15.83 11.86 -16.18
C SER B 300 15.20 11.28 -14.94
N PHE B 301 16.05 10.62 -14.17
CA PHE B 301 15.63 9.91 -12.97
C PHE B 301 14.71 10.75 -12.08
N VAL B 302 13.68 10.11 -11.54
CA VAL B 302 12.69 10.85 -10.77
C VAL B 302 13.28 11.31 -9.45
N ASP B 303 14.15 10.50 -8.88
CA ASP B 303 14.72 10.86 -7.59
C ASP B 303 15.72 11.99 -7.77
N THR B 304 16.57 11.88 -8.79
CA THR B 304 17.56 12.92 -9.08
C THR B 304 16.88 14.26 -9.39
N THR B 305 15.83 14.20 -10.19
CA THR B 305 15.02 15.37 -10.51
C THR B 305 14.48 16.00 -9.23
N ALA B 306 13.86 15.18 -8.38
CA ALA B 306 13.33 15.71 -7.12
C ALA B 306 14.40 16.43 -6.32
N ARG B 307 15.48 15.71 -6.06
CA ARG B 307 16.57 16.25 -5.26
C ARG B 307 16.99 17.61 -5.79
N GLN B 308 17.26 17.65 -7.08
CA GLN B 308 17.74 18.89 -7.70
C GLN B 308 16.74 20.02 -7.60
N ILE B 309 15.46 19.74 -7.82
CA ILE B 309 14.43 20.73 -7.61
C ILE B 309 14.46 21.30 -6.19
N VAL B 310 14.58 20.43 -5.19
CA VAL B 310 14.66 20.89 -3.80
C VAL B 310 15.89 21.74 -3.57
N ALA B 311 17.05 21.33 -4.11
CA ALA B 311 18.26 22.12 -3.89
C ALA B 311 18.15 23.52 -4.53
N LEU B 312 17.61 23.55 -5.74
CA LEU B 312 17.39 24.78 -6.47
C LEU B 312 16.48 25.71 -5.73
N ALA B 313 15.40 25.16 -5.17
CA ALA B 313 14.45 25.98 -4.39
C ALA B 313 15.09 26.69 -3.19
N GLN B 314 16.28 26.24 -2.80
CA GLN B 314 16.99 26.82 -1.65
C GLN B 314 18.18 27.75 -1.95
N VAL B 315 18.52 28.02 -3.22
CA VAL B 315 19.52 29.05 -3.53
C VAL B 315 18.93 30.38 -3.96
N ASN B 316 19.79 31.38 -4.06
CA ASN B 316 19.35 32.73 -4.38
C ASN B 316 19.87 33.22 -5.71
N THR B 317 20.00 32.28 -6.65
CA THR B 317 20.36 32.60 -8.01
C THR B 317 19.33 33.57 -8.58
N PRO B 318 19.78 34.51 -9.42
CA PRO B 318 18.85 35.54 -9.90
C PRO B 318 18.04 35.11 -11.11
N GLN B 319 18.20 33.86 -11.56
CA GLN B 319 17.48 33.42 -12.75
C GLN B 319 16.06 32.99 -12.45
N ILE B 320 15.18 33.20 -13.43
CA ILE B 320 13.78 32.78 -13.33
C ILE B 320 13.49 31.35 -13.85
N ILE B 321 14.23 30.91 -14.87
CA ILE B 321 13.98 29.59 -15.47
C ILE B 321 15.21 28.70 -15.34
N TYR B 322 14.99 27.42 -15.05
CA TYR B 322 16.05 26.45 -14.87
C TYR B 322 15.69 25.22 -15.66
N HIS B 323 16.72 24.48 -16.10
CA HIS B 323 16.53 23.23 -16.82
C HIS B 323 17.07 22.08 -16.00
N VAL B 324 16.17 21.32 -15.37
CA VAL B 324 16.58 20.18 -14.56
C VAL B 324 16.14 18.84 -15.18
N LEU B 325 17.02 18.32 -16.03
CA LEU B 325 16.76 17.07 -16.73
C LEU B 325 18.12 16.46 -17.04
N SER B 326 18.15 15.18 -17.39
CA SER B 326 19.44 14.52 -17.61
C SER B 326 20.21 15.09 -18.80
N PRO B 327 21.53 15.29 -18.62
CA PRO B 327 22.40 15.85 -19.64
C PRO B 327 22.95 14.75 -20.53
N ASN B 328 22.74 13.51 -20.12
CA ASN B 328 23.24 12.34 -20.83
C ASN B 328 22.14 11.70 -21.64
N LYS B 329 21.87 12.27 -22.81
CA LYS B 329 20.89 11.70 -23.71
C LYS B 329 21.58 10.61 -24.50
N PRO B 331 20.71 8.05 -28.26
CA PRO B 331 19.71 7.76 -29.29
C PRO B 331 19.08 6.40 -29.07
N VAL B 332 17.89 6.20 -29.61
CA VAL B 332 17.18 4.95 -29.40
C VAL B 332 18.01 3.74 -29.83
N LYS B 333 18.70 3.86 -30.96
CA LYS B 333 19.55 2.79 -31.45
C LYS B 333 20.57 2.36 -30.39
N SER B 334 21.29 3.32 -29.82
CA SER B 334 22.21 3.04 -28.73
C SER B 334 21.53 2.32 -27.57
N LEU B 335 20.41 2.86 -27.10
CA LEU B 335 19.68 2.25 -25.98
C LEU B 335 19.26 0.80 -26.23
N LEU B 336 18.69 0.53 -27.40
CA LEU B 336 18.25 -0.82 -27.75
C LEU B 336 19.42 -1.78 -27.80
N GLU B 337 20.50 -1.37 -28.45
CA GLU B 337 21.69 -2.23 -28.55
C GLU B 337 22.31 -2.48 -27.19
N CYS B 338 22.37 -1.44 -26.38
CA CYS B 338 22.85 -1.57 -25.01
C CYS B 338 22.01 -2.62 -24.27
N VAL B 339 20.69 -2.60 -24.44
CA VAL B 339 19.85 -3.55 -23.72
C VAL B 339 20.06 -4.98 -24.17
N LYS B 340 20.16 -5.21 -25.47
CA LYS B 340 20.31 -6.57 -25.99
C LYS B 340 21.78 -7.03 -26.08
N ARG B 341 22.71 -6.09 -25.90
CA ARG B 341 24.13 -6.29 -26.20
C ARG B 341 24.35 -6.88 -27.58
N LYS B 342 23.59 -6.36 -28.55
CA LYS B 342 23.65 -6.81 -29.94
C LYS B 342 23.31 -5.63 -30.84
N GLU B 343 23.96 -5.54 -32.00
CA GLU B 343 23.59 -4.53 -32.98
C GLU B 343 22.21 -4.82 -33.58
N ILE B 344 21.52 -3.76 -33.98
CA ILE B 344 20.18 -3.85 -34.54
C ILE B 344 20.26 -3.51 -36.02
N GLU B 345 19.51 -4.20 -36.87
CA GLU B 345 19.46 -3.81 -38.30
C GLU B 345 18.73 -2.48 -38.45
N LEU B 346 19.34 -1.62 -39.27
CA LEU B 346 18.82 -0.30 -39.56
C LEU B 346 18.03 -0.38 -40.86
N VAL B 347 16.84 0.21 -40.87
CA VAL B 347 15.85 -0.04 -41.90
C VAL B 347 15.07 1.24 -42.26
N SER B 348 14.78 1.41 -43.55
CA SER B 348 14.00 2.57 -44.03
C SER B 348 12.66 2.67 -43.31
N ASP B 349 12.29 3.88 -42.90
CA ASP B 349 11.06 4.08 -42.17
C ASP B 349 9.82 3.64 -42.93
N GLU B 350 9.94 3.42 -44.23
CA GLU B 350 8.84 2.82 -44.96
C GLU B 350 8.75 1.37 -44.49
N SER B 351 9.87 0.67 -44.57
CA SER B 351 9.93 -0.74 -44.18
C SER B 351 9.65 -0.94 -42.68
N PHE B 352 10.00 0.07 -41.88
CA PHE B 352 9.80 0.05 -40.45
C PHE B 352 8.34 0.31 -40.09
N ASN B 353 7.81 1.44 -40.60
CA ASN B 353 6.40 1.79 -40.39
C ASN B 353 5.48 0.79 -41.08
N GLU B 354 6.09 -0.11 -41.87
CA GLU B 354 5.42 -1.29 -42.39
C GLU B 354 5.37 -2.36 -41.32
N ILE B 355 6.54 -2.85 -40.89
CA ILE B 355 6.57 -3.97 -39.94
C ILE B 355 5.98 -3.64 -38.57
N LEU B 356 5.88 -2.37 -38.24
CA LEU B 356 5.23 -2.02 -36.98
C LEU B 356 3.76 -1.80 -37.21
N GLN B 357 3.37 -1.60 -38.46
CA GLN B 357 1.95 -1.57 -38.80
C GLN B 357 1.44 -3.01 -38.82
N LYS B 358 2.36 -3.94 -39.06
CA LYS B 358 2.03 -5.37 -39.05
C LYS B 358 1.68 -5.85 -37.64
N GLN B 359 2.46 -5.39 -36.66
CA GLN B 359 2.17 -5.66 -35.26
C GLN B 359 1.24 -4.56 -34.79
N ASP B 360 0.50 -4.77 -33.71
CA ASP B 360 -0.41 -3.73 -33.25
C ASP B 360 0.36 -2.58 -32.60
N TYR B 362 0.44 0.58 -33.65
CA TYR B 362 -0.11 1.84 -34.17
C TYR B 362 -0.04 3.00 -33.18
N GLU B 363 0.03 2.69 -31.89
CA GLU B 363 0.20 3.72 -30.88
C GLU B 363 1.67 4.17 -30.79
N THR B 364 2.56 3.42 -31.45
CA THR B 364 3.97 3.82 -31.56
C THR B 364 4.19 4.58 -32.89
N ILE B 365 3.57 4.11 -33.96
CA ILE B 365 3.51 4.85 -35.23
C ILE B 365 2.96 6.24 -34.96
N GLY B 366 1.93 6.29 -34.12
CA GLY B 366 1.29 7.54 -33.74
C GLY B 366 2.19 8.51 -33.01
N LEU B 367 2.80 8.09 -31.91
CA LEU B 367 3.66 8.98 -31.14
C LEU B 367 5.07 9.08 -31.75
N THR B 368 5.16 8.97 -33.08
CA THR B 368 6.41 9.16 -33.80
C THR B 368 6.45 10.55 -34.42
N GLU B 373 8.70 14.86 -38.68
CA GLU B 373 8.13 15.79 -39.66
C GLU B 373 8.21 17.26 -39.18
N GLN B 374 8.53 17.40 -37.90
CA GLN B 374 8.99 18.66 -37.31
C GLN B 374 10.46 18.38 -36.96
N GLN B 375 11.22 19.39 -36.56
CA GLN B 375 12.63 19.18 -36.20
C GLN B 375 12.88 19.41 -34.70
N LEU B 376 13.80 18.63 -34.12
CA LEU B 376 14.09 18.72 -32.69
C LEU B 376 14.97 19.92 -32.34
N ALA B 377 14.81 20.43 -31.13
CA ALA B 377 15.51 21.63 -30.70
C ALA B 377 16.89 21.31 -30.15
N ILE B 379 18.64 21.75 -27.30
CA ILE B 379 18.41 22.11 -25.90
C ILE B 379 19.71 22.35 -25.17
N ASP B 380 19.84 23.53 -24.57
CA ASP B 380 21.00 23.89 -23.77
C ASP B 380 20.63 23.81 -22.28
N THR B 381 21.55 23.33 -21.44
CA THR B 381 21.28 23.37 -19.99
C THR B 381 22.50 23.81 -19.18
N THR B 382 23.50 24.35 -19.86
CA THR B 382 24.79 24.59 -19.24
C THR B 382 24.80 25.57 -18.08
N LEU B 383 23.96 26.60 -18.11
CA LEU B 383 23.89 27.47 -16.95
C LEU B 383 23.35 26.73 -15.70
N THR B 384 22.20 26.06 -15.83
CA THR B 384 21.62 25.34 -14.69
C THR B 384 22.63 24.31 -14.19
N LEU B 385 23.25 23.62 -15.13
CA LEU B 385 24.29 22.64 -14.83
C LEU B 385 25.39 23.26 -13.97
N LYS B 386 25.89 24.41 -14.43
CA LYS B 386 26.94 25.14 -13.73
C LYS B 386 26.53 25.49 -12.30
N ILE B 387 25.26 25.86 -12.11
CA ILE B 387 24.73 26.16 -10.77
C ILE B 387 24.60 24.91 -9.88
N ASN B 389 26.35 22.25 -10.02
CA ASN B 389 27.62 21.65 -9.64
C ASN B 389 28.30 22.33 -8.47
N HIS B 390 27.77 23.49 -8.08
CA HIS B 390 28.26 24.19 -6.90
C HIS B 390 27.51 23.79 -5.64
N ILE B 391 26.29 23.28 -5.81
CA ILE B 391 25.41 23.10 -4.67
C ILE B 391 24.90 21.67 -4.51
N SER B 392 24.97 20.89 -5.58
CA SER B 392 24.36 19.57 -5.59
C SER B 392 25.30 18.56 -6.25
N GLU B 393 24.76 17.42 -6.65
CA GLU B 393 25.61 16.38 -7.15
C GLU B 393 25.33 16.06 -8.60
N LYS B 394 26.32 15.46 -9.25
CA LYS B 394 26.22 15.16 -10.66
C LYS B 394 25.03 14.23 -10.85
N TRP B 395 24.33 14.39 -11.97
CA TRP B 395 23.42 13.34 -12.43
C TRP B 395 24.20 12.03 -12.38
N PRO B 396 23.64 11.01 -11.72
CA PRO B 396 24.27 9.68 -11.73
C PRO B 396 24.45 9.13 -13.16
N THR B 397 25.50 8.36 -13.34
CA THR B 397 25.74 7.76 -14.64
C THR B 397 25.08 6.40 -14.78
N ILE B 398 24.44 6.21 -15.92
CA ILE B 398 23.71 4.99 -16.22
C ILE B 398 24.65 3.82 -16.50
N THR B 399 24.28 2.65 -16.01
CA THR B 399 25.06 1.45 -16.25
C THR B 399 24.24 0.49 -17.11
N ASN B 400 24.92 -0.41 -17.80
CA ASN B 400 24.24 -1.43 -18.60
C ASN B 400 23.32 -2.21 -17.70
N ASN B 401 23.79 -2.47 -16.49
CA ASN B 401 23.04 -3.22 -15.51
C ASN B 401 21.67 -2.59 -15.22
N TRP B 402 21.71 -1.32 -14.86
CA TRP B 402 20.51 -0.53 -14.69
C TRP B 402 19.58 -0.62 -15.92
N LEU B 403 20.13 -0.52 -17.12
CA LEU B 403 19.28 -0.60 -18.30
C LEU B 403 18.69 -1.97 -18.47
N TYR B 404 19.43 -2.99 -18.04
CA TYR B 404 18.99 -4.37 -18.20
C TYR B 404 17.75 -4.54 -17.35
N HIS B 405 17.89 -4.19 -16.08
CA HIS B 405 16.78 -4.28 -15.14
C HIS B 405 15.59 -3.39 -15.51
N TRP B 406 15.85 -2.17 -15.94
CA TRP B 406 14.82 -1.30 -16.52
C TRP B 406 14.03 -2.02 -17.59
N ALA B 407 14.75 -2.54 -18.58
CA ALA B 407 14.15 -3.21 -19.70
C ALA B 407 13.31 -4.39 -19.25
N GLN B 408 13.81 -5.13 -18.26
CA GLN B 408 13.06 -6.25 -17.69
C GLN B 408 11.77 -5.74 -17.07
N TYR B 409 11.87 -4.64 -16.32
CA TYR B 409 10.71 -4.05 -15.67
C TYR B 409 9.63 -3.72 -16.69
N ILE B 410 9.99 -2.88 -17.66
CA ILE B 410 9.10 -2.56 -18.77
C ILE B 410 8.49 -3.81 -19.40
N LYS B 411 9.33 -4.82 -19.66
CA LYS B 411 8.82 -6.01 -20.34
C LYS B 411 7.76 -6.69 -19.48
N THR B 412 8.06 -6.91 -18.21
CA THR B 412 7.16 -7.71 -17.39
C THR B 412 5.89 -6.97 -17.07
N ILE B 413 5.95 -5.65 -16.96
CA ILE B 413 4.75 -4.91 -16.64
C ILE B 413 3.75 -4.79 -17.80
N PHE B 414 4.23 -4.76 -19.04
CA PHE B 414 3.33 -4.74 -20.19
C PHE B 414 2.85 -6.13 -20.61
N ASN B 415 2.97 -7.10 -19.70
CA ASN B 415 2.51 -8.47 -19.94
C ASN B 415 1.74 -9.04 -18.76
#